data_7ZAN
#
_entry.id   7ZAN
#
_cell.length_a   186.305
_cell.length_b   186.305
_cell.length_c   238.305
_cell.angle_alpha   90.000
_cell.angle_beta   90.000
_cell.angle_gamma   120.000
#
_symmetry.space_group_name_H-M   'P 65 2 2'
#
loop_
_entity.id
_entity.type
_entity.pdbx_description
1 polymer Interleukin-17A
2 polymer 'Interleukin-17 receptor A'
3 polymer 'Isoform 2 of Interleukin-17 receptor C'
4 non-polymer 2-acetamido-2-deoxy-beta-D-glucopyranose
#
loop_
_entity_poly.entity_id
_entity_poly.type
_entity_poly.pdbx_seq_one_letter_code
_entity_poly.pdbx_strand_id
1 'polypeptide(L)'
;GPNSEDKNFPRTVMVNLNIHNRNTNTNPKRSSDYYDRSTSPWNLHRNEDPERYPSVIWEAKCRHLGCINADGNVDYHMNS
VPIQQEILVLRREPPHSPNSFRLEKILVSVGCTCVTPIVHHVA
;
A,B
2 'polypeptide(L)'
;LRLLDHRALVCSQPGLDCTVKNSTCLDDSWIHPRNLTPSSPKDLQIQLHFAHTQQGDLFPVAHIEWTLQTDASILYLEGA
ELSVLQLNTNERLCVRFEFLSKLRHHHRRWRFTFSHFVVDPDQEYEVTVHHLPKPIPDGDPNHQSKNFLVPDCEHARMKV
TTPCMSSGSLWDPDITVETLEAHQLRVSFTLWNESTHYQILLTSFPHMENHSCFEHMHHIPAPRPEEFHQRSDVTLTLRN
LKGCCRHQVQIQPFFSSCLNDCLRHSATVSCPEMPDTPEPIPDYMPLWEFRH
;
C
3 'polypeptide(L)'
;LERLVGPQDATHCSPGLSCRLWDSDILCLPGDIVPAPGPVLAPTHLQTELVLRCQKETDCDLCLRVAVHLAVHGHWEEPE
DEEKFGGAADSGVEEPRNASLQAQVVLSFQAYPTARCVLLEVQVPAALVQFGQSVGSVVYDCFEAALGSEVRIWSYTQPR
YEKELNHTQQLPDCRGLEVWNSIPSCWALPWLNVSADGDNVHLVLNVSEEQHFGLSLYWNQVQGPPKPRWHKNLTGPQII
TLNHTDLVPCLCIQVWPLEPDSVRTNICPFREDPRAHQNLWQAARLRLLTLQSWLLDAPCSLPAEAALCWRAPGGDPCQP
LVPPLSWENVTVDKVLEFPLLKGHPNLCVQVNSSEKLQLQECLWADSLGPLKDDVLLLETRGPQDNRSLCALEPSGCTSL
PSKASTRAARLGEYLLQDLQSGQCLQLWDDDLGALWACPMDKYIHKREFRHDS
;
D
#
# COMPACT_ATOMS: atom_id res chain seq x y z
N GLU A 5 21.42 26.92 36.15
CA GLU A 5 22.86 27.09 36.26
C GLU A 5 23.60 25.97 35.53
N ASP A 6 24.56 26.32 34.67
CA ASP A 6 25.38 25.35 33.96
C ASP A 6 26.43 24.81 34.94
N LYS A 7 26.91 23.60 34.69
CA LYS A 7 27.89 22.92 35.54
C LYS A 7 27.28 22.27 36.78
N ASN A 8 26.05 22.66 37.20
CA ASN A 8 25.40 22.00 38.34
C ASN A 8 25.00 20.59 37.89
N PHE A 9 24.38 20.49 36.69
CA PHE A 9 24.03 19.22 36.04
C PHE A 9 24.80 19.26 34.71
N PRO A 10 25.89 18.47 34.50
CA PRO A 10 26.61 18.57 33.22
C PRO A 10 25.80 18.23 31.97
N ARG A 11 24.60 17.67 32.16
CA ARG A 11 23.72 17.30 31.07
C ARG A 11 23.11 18.53 30.34
N THR A 12 23.39 19.77 30.78
CA THR A 12 22.88 20.96 30.10
C THR A 12 23.90 21.37 29.05
N VAL A 13 23.49 21.46 27.77
CA VAL A 13 24.39 21.82 26.65
C VAL A 13 23.73 22.80 25.70
N MET A 14 24.56 23.54 24.94
CA MET A 14 24.06 24.49 23.94
C MET A 14 23.77 23.73 22.64
N VAL A 15 22.79 24.21 21.87
CA VAL A 15 22.37 23.61 20.61
C VAL A 15 22.26 24.72 19.56
N ASN A 16 22.70 24.43 18.32
CA ASN A 16 22.75 25.40 17.23
C ASN A 16 21.43 26.12 16.92
N LEU A 17 20.27 25.47 17.10
CA LEU A 17 18.94 26.05 16.85
C LEU A 17 18.59 26.06 15.35
N ASN A 18 19.52 26.47 14.48
CA ASN A 18 19.32 26.45 13.05
C ASN A 18 19.51 24.99 12.63
N ILE A 19 18.41 24.28 12.34
CA ILE A 19 18.46 22.86 11.99
C ILE A 19 19.29 22.61 10.74
N HIS A 20 20.17 21.60 10.78
CA HIS A 20 20.98 21.24 9.63
C HIS A 20 20.10 20.34 8.78
N ASN A 21 19.63 20.84 7.64
CA ASN A 21 18.74 20.07 6.77
C ASN A 21 19.50 18.93 6.13
N ARG A 22 19.20 17.67 6.52
CA ARG A 22 19.82 16.51 5.91
C ARG A 22 18.95 16.22 4.68
N ASN A 23 18.96 17.18 3.74
CA ASN A 23 18.18 17.21 2.50
C ASN A 23 16.64 17.08 2.73
N THR A 24 16.12 17.58 3.88
CA THR A 24 14.67 17.62 4.12
C THR A 24 13.97 18.71 3.27
N ASN A 25 14.75 19.67 2.71
CA ASN A 25 14.28 20.73 1.82
C ASN A 25 14.43 20.31 0.35
N THR A 26 15.46 19.50 0.01
CA THR A 26 15.70 19.02 -1.36
C THR A 26 14.61 18.05 -1.79
N SER A 32 2.05 12.69 0.47
CA SER A 32 2.45 11.39 -0.06
C SER A 32 1.26 10.60 -0.61
N ASP A 33 0.11 10.61 0.11
CA ASP A 33 -1.10 9.88 -0.26
C ASP A 33 -0.97 8.34 -0.14
N TYR A 34 0.15 7.83 0.40
CA TYR A 34 0.33 6.39 0.57
C TYR A 34 -0.66 5.81 1.57
N TYR A 35 -1.08 6.60 2.58
CA TYR A 35 -2.03 6.14 3.59
C TYR A 35 -3.37 5.70 3.02
N ASP A 36 -3.80 6.28 1.88
CA ASP A 36 -5.07 5.95 1.25
C ASP A 36 -4.88 4.94 0.10
N ARG A 37 -3.70 4.90 -0.55
CA ARG A 37 -3.44 3.98 -1.67
C ARG A 37 -2.99 2.58 -1.25
N SER A 38 -2.59 2.40 0.01
CA SER A 38 -2.09 1.11 0.50
C SER A 38 -3.15 0.05 0.59
N THR A 39 -2.74 -1.21 0.42
CA THR A 39 -3.62 -2.35 0.63
C THR A 39 -3.98 -2.49 2.13
N SER A 40 -3.13 -1.93 3.03
CA SER A 40 -3.31 -1.87 4.47
C SER A 40 -3.37 -0.39 4.79
N PRO A 41 -4.48 0.29 4.46
CA PRO A 41 -4.56 1.74 4.68
C PRO A 41 -4.56 2.15 6.14
N TRP A 42 -4.32 3.44 6.42
CA TRP A 42 -4.30 3.96 7.77
C TRP A 42 -4.77 5.41 7.83
N ASN A 43 -5.25 5.83 9.02
CA ASN A 43 -5.73 7.19 9.24
C ASN A 43 -4.80 7.93 10.19
N LEU A 44 -4.72 9.26 10.02
CA LEU A 44 -3.87 10.11 10.84
C LEU A 44 -4.70 10.87 11.88
N HIS A 45 -4.17 10.94 13.12
CA HIS A 45 -4.82 11.57 14.27
C HIS A 45 -3.94 12.72 14.79
N ARG A 46 -4.58 13.77 15.30
CA ARG A 46 -3.86 14.96 15.78
C ARG A 46 -3.31 14.77 17.20
N ASN A 47 -2.11 14.17 17.34
CA ASN A 47 -1.47 14.03 18.66
C ASN A 47 -0.57 15.26 18.81
N GLU A 48 -1.23 16.42 18.95
CA GLU A 48 -0.61 17.74 19.05
C GLU A 48 -0.35 18.15 20.50
N ASP A 49 0.69 18.98 20.71
CA ASP A 49 1.04 19.50 22.04
C ASP A 49 1.96 20.73 21.88
N PRO A 50 1.57 21.95 22.34
CA PRO A 50 2.50 23.10 22.19
C PRO A 50 3.81 22.99 22.97
N GLU A 51 3.87 22.10 23.97
CA GLU A 51 5.07 21.89 24.78
C GLU A 51 6.09 20.95 24.14
N ARG A 52 5.65 20.08 23.22
CA ARG A 52 6.54 19.12 22.56
C ARG A 52 6.94 19.58 21.15
N TYR A 53 8.19 19.27 20.72
CA TYR A 53 8.69 19.61 19.39
C TYR A 53 8.82 18.32 18.57
N PRO A 54 8.22 18.20 17.36
CA PRO A 54 7.33 19.15 16.68
C PRO A 54 5.96 19.23 17.34
N SER A 55 5.26 20.36 17.17
CA SER A 55 3.94 20.54 17.76
C SER A 55 2.89 19.58 17.17
N VAL A 56 2.81 19.45 15.83
CA VAL A 56 1.84 18.57 15.16
C VAL A 56 2.47 17.19 14.87
N ILE A 57 1.70 16.11 15.10
CA ILE A 57 2.14 14.72 14.85
C ILE A 57 1.08 13.99 14.03
N TRP A 58 1.53 13.02 13.21
CA TRP A 58 0.67 12.23 12.35
C TRP A 58 0.63 10.78 12.83
N GLU A 59 -0.19 10.48 13.87
CA GLU A 59 -0.34 9.13 14.41
C GLU A 59 -1.10 8.26 13.42
N ALA A 60 -0.43 7.26 12.83
CA ALA A 60 -1.02 6.38 11.84
C ALA A 60 -1.35 5.00 12.39
N LYS A 61 -2.64 4.64 12.51
CA LYS A 61 -3.02 3.29 12.93
C LYS A 61 -3.87 2.65 11.83
N CYS A 62 -3.66 1.32 11.61
CA CYS A 62 -4.33 0.52 10.58
C CYS A 62 -5.84 0.76 10.53
N ARG A 63 -6.35 1.11 9.35
CA ARG A 63 -7.77 1.37 9.10
C ARG A 63 -8.53 0.07 8.92
N HIS A 64 -7.97 -0.90 8.19
CA HIS A 64 -8.62 -2.19 7.95
C HIS A 64 -7.92 -3.30 8.72
N LEU A 65 -8.72 -4.24 9.25
CA LEU A 65 -8.18 -5.37 10.02
C LEU A 65 -7.47 -6.34 9.07
N GLY A 66 -8.08 -6.61 7.92
CA GLY A 66 -7.50 -7.41 6.86
C GLY A 66 -6.85 -6.51 5.83
N CYS A 67 -6.70 -7.01 4.60
CA CYS A 67 -6.10 -6.23 3.51
C CYS A 67 -7.09 -6.12 2.35
N ILE A 68 -7.12 -4.98 1.67
CA ILE A 68 -8.03 -4.76 0.55
C ILE A 68 -7.45 -5.36 -0.73
N ASN A 69 -8.18 -6.27 -1.38
CA ASN A 69 -7.73 -6.89 -2.63
C ASN A 69 -7.98 -5.99 -3.87
N ALA A 70 -7.62 -6.45 -5.09
CA ALA A 70 -7.79 -5.71 -6.35
C ALA A 70 -9.23 -5.28 -6.65
N ASP A 71 -10.22 -6.06 -6.19
CA ASP A 71 -11.64 -5.75 -6.40
C ASP A 71 -12.21 -4.73 -5.39
N GLY A 72 -11.49 -4.48 -4.29
CA GLY A 72 -11.96 -3.59 -3.22
C GLY A 72 -12.53 -4.32 -2.02
N ASN A 73 -12.58 -5.68 -2.06
CA ASN A 73 -13.12 -6.48 -0.96
C ASN A 73 -12.13 -6.57 0.18
N VAL A 74 -12.63 -6.82 1.40
CA VAL A 74 -11.78 -7.00 2.57
C VAL A 74 -11.38 -8.48 2.57
N ASP A 75 -10.11 -8.79 2.26
CA ASP A 75 -9.60 -10.16 2.20
C ASP A 75 -9.13 -10.61 3.59
N TYR A 76 -9.83 -11.58 4.21
CA TYR A 76 -9.47 -12.07 5.53
C TYR A 76 -8.31 -13.08 5.54
N HIS A 77 -7.73 -13.42 4.38
CA HIS A 77 -6.56 -14.30 4.31
C HIS A 77 -5.24 -13.55 4.60
N MET A 78 -5.30 -12.23 4.91
CA MET A 78 -4.12 -11.40 5.19
C MET A 78 -4.43 -10.44 6.36
N ASN A 79 -3.39 -9.91 7.02
CA ASN A 79 -3.54 -9.02 8.17
C ASN A 79 -2.78 -7.72 8.00
N SER A 80 -3.40 -6.59 8.33
CA SER A 80 -2.73 -5.30 8.32
C SER A 80 -2.04 -5.17 9.69
N VAL A 81 -0.74 -4.79 9.72
CA VAL A 81 -0.01 -4.65 10.99
C VAL A 81 0.62 -3.27 11.09
N PRO A 82 0.62 -2.69 12.31
CA PRO A 82 1.20 -1.36 12.48
C PRO A 82 2.73 -1.37 12.59
N ILE A 83 3.38 -0.25 12.23
CA ILE A 83 4.83 -0.06 12.29
C ILE A 83 5.10 1.07 13.27
N GLN A 84 5.66 0.76 14.44
CA GLN A 84 5.97 1.77 15.46
C GLN A 84 7.48 2.04 15.52
N GLN A 85 7.86 3.24 15.99
CA GLN A 85 9.26 3.65 16.14
C GLN A 85 9.45 4.48 17.41
N GLU A 86 10.69 4.57 17.88
CA GLU A 86 11.08 5.38 19.03
C GLU A 86 11.81 6.60 18.46
N ILE A 87 11.31 7.82 18.73
CA ILE A 87 11.95 9.04 18.24
C ILE A 87 12.20 10.01 19.39
N LEU A 88 13.22 10.85 19.25
CA LEU A 88 13.54 11.84 20.28
C LEU A 88 12.76 13.12 20.00
N VAL A 89 12.28 13.78 21.07
CA VAL A 89 11.54 15.03 21.03
C VAL A 89 11.94 15.92 22.20
N LEU A 90 11.74 17.23 22.07
CA LEU A 90 12.03 18.18 23.14
C LEU A 90 10.74 18.59 23.82
N ARG A 91 10.77 18.76 25.16
CA ARG A 91 9.64 19.21 25.95
C ARG A 91 10.14 20.36 26.85
N ARG A 92 9.39 21.48 26.89
CA ARG A 92 9.78 22.70 27.62
C ARG A 92 10.16 22.46 29.06
N GLU A 93 11.30 23.02 29.50
CA GLU A 93 11.76 22.88 30.88
C GLU A 93 12.53 24.16 31.27
N PRO A 94 11.98 25.13 32.06
CA PRO A 94 10.65 25.15 32.69
C PRO A 94 9.49 25.32 31.70
N PRO A 95 8.22 25.15 32.12
CA PRO A 95 7.11 25.30 31.16
C PRO A 95 6.95 26.71 30.61
N HIS A 96 6.48 26.83 29.37
CA HIS A 96 6.23 28.09 28.65
C HIS A 96 7.48 29.02 28.48
N SER A 97 8.69 28.56 28.88
CA SER A 97 9.93 29.34 28.75
C SER A 97 10.64 28.96 27.43
N PRO A 98 10.62 29.83 26.39
CA PRO A 98 11.27 29.45 25.12
C PRO A 98 12.78 29.72 25.11
N ASN A 99 13.51 29.08 26.04
CA ASN A 99 14.96 29.21 26.16
C ASN A 99 15.65 27.86 26.41
N SER A 100 15.04 27.01 27.26
CA SER A 100 15.59 25.70 27.60
C SER A 100 14.57 24.57 27.40
N PHE A 101 15.10 23.35 27.19
CA PHE A 101 14.31 22.13 26.95
C PHE A 101 14.96 20.90 27.64
N ARG A 102 14.29 19.74 27.57
CA ARG A 102 14.76 18.46 28.10
C ARG A 102 14.38 17.36 27.12
N LEU A 103 15.32 16.46 26.77
CA LEU A 103 15.06 15.37 25.82
C LEU A 103 14.05 14.34 26.34
N GLU A 104 13.35 13.67 25.39
CA GLU A 104 12.37 12.63 25.68
C GLU A 104 12.33 11.62 24.54
N LYS A 105 12.22 10.32 24.87
CA LYS A 105 12.10 9.26 23.87
C LYS A 105 10.63 8.85 23.87
N ILE A 106 9.96 8.82 22.71
CA ILE A 106 8.53 8.50 22.63
C ILE A 106 8.19 7.46 21.56
N LEU A 107 7.02 6.79 21.70
CA LEU A 107 6.49 5.78 20.79
C LEU A 107 5.57 6.45 19.76
N VAL A 108 5.75 6.15 18.47
CA VAL A 108 4.91 6.72 17.43
C VAL A 108 4.50 5.62 16.45
N SER A 109 3.25 5.63 15.99
CA SER A 109 2.76 4.70 14.99
C SER A 109 2.93 5.42 13.63
N VAL A 110 3.88 4.95 12.80
CA VAL A 110 4.29 5.61 11.55
C VAL A 110 3.44 5.24 10.31
N GLY A 111 3.20 3.96 10.10
CA GLY A 111 2.44 3.45 8.96
C GLY A 111 2.11 1.98 9.08
N CYS A 112 1.40 1.41 8.09
CA CYS A 112 1.00 0.00 8.12
C CYS A 112 1.53 -0.79 6.92
N THR A 113 1.48 -2.12 7.03
CA THR A 113 1.87 -3.04 5.95
C THR A 113 1.04 -4.32 6.05
N CYS A 114 0.88 -5.02 4.91
CA CYS A 114 0.08 -6.24 4.85
C CYS A 114 0.97 -7.47 4.99
N VAL A 115 0.66 -8.38 5.94
CA VAL A 115 1.47 -9.59 6.20
C VAL A 115 0.68 -10.89 6.11
N THR A 116 1.34 -11.97 5.65
CA THR A 116 0.74 -13.29 5.59
C THR A 116 0.60 -13.80 7.02
N PRO A 117 -0.49 -14.49 7.36
CA PRO A 117 -0.66 -14.97 8.74
C PRO A 117 0.22 -16.17 9.06
N ILE A 118 0.34 -16.46 10.35
CA ILE A 118 1.10 -17.60 10.82
C ILE A 118 0.18 -18.82 10.72
N VAL A 119 0.65 -19.92 10.10
CA VAL A 119 -0.19 -21.11 9.91
C VAL A 119 0.49 -22.36 10.46
N HIS A 120 -0.32 -23.33 10.94
CA HIS A 120 0.15 -24.63 11.43
C HIS A 120 -0.67 -25.70 10.69
N HIS A 121 -0.11 -26.26 9.60
CA HIS A 121 -0.81 -27.22 8.75
C HIS A 121 -0.74 -28.65 9.25
N VAL A 122 -1.91 -29.22 9.61
CA VAL A 122 -2.03 -30.61 10.06
C VAL A 122 -2.98 -31.33 9.10
N ALA A 123 -2.59 -32.53 8.65
CA ALA A 123 -3.41 -33.31 7.70
C ALA A 123 -4.66 -33.89 8.36
N ARG B 11 19.58 32.69 18.74
CA ARG B 11 20.51 31.98 17.88
C ARG B 11 21.03 30.66 18.48
N THR B 12 20.79 30.40 19.79
CA THR B 12 21.22 29.16 20.44
C THR B 12 20.23 28.79 21.55
N VAL B 13 19.97 27.48 21.75
CA VAL B 13 19.03 27.00 22.77
C VAL B 13 19.69 25.96 23.66
N MET B 14 19.40 25.99 24.97
CA MET B 14 19.96 25.05 25.93
C MET B 14 19.09 23.80 26.03
N VAL B 15 19.71 22.62 26.17
CA VAL B 15 18.98 21.37 26.27
C VAL B 15 19.59 20.50 27.37
N ASN B 16 18.72 19.86 28.17
CA ASN B 16 19.13 18.90 29.21
C ASN B 16 19.04 17.52 28.57
N LEU B 17 20.18 16.87 28.31
CA LEU B 17 20.21 15.54 27.69
C LEU B 17 19.91 14.40 28.68
N ASN B 18 19.39 14.72 29.89
CA ASN B 18 18.97 13.73 30.87
C ASN B 18 17.61 13.28 30.36
N ILE B 19 17.61 12.26 29.49
CA ILE B 19 16.41 11.81 28.81
C ILE B 19 15.38 11.21 29.75
N HIS B 20 14.11 11.33 29.37
CA HIS B 20 12.99 10.74 30.06
C HIS B 20 12.41 9.72 29.07
N ASN B 21 12.56 8.42 29.35
CA ASN B 21 12.08 7.35 28.46
C ASN B 21 10.57 7.22 28.67
N ARG B 22 9.77 7.75 27.73
CA ARG B 22 8.30 7.73 27.81
C ARG B 22 7.67 6.51 27.14
N ASN B 23 8.41 5.78 26.28
CA ASN B 23 7.91 4.57 25.62
C ASN B 23 8.02 3.31 26.53
N THR B 24 8.12 3.48 27.85
CA THR B 24 8.22 2.35 28.77
C THR B 24 6.81 1.82 29.09
N ASN B 25 6.01 1.54 28.05
CA ASN B 25 4.67 1.02 28.19
C ASN B 25 4.73 -0.51 28.15
N THR B 26 5.57 -1.09 27.26
CA THR B 26 5.76 -2.54 27.08
C THR B 26 4.40 -3.22 26.90
N ASN B 27 3.67 -2.81 25.85
CA ASN B 27 2.31 -3.30 25.58
C ASN B 27 2.21 -4.83 25.41
N PRO B 28 1.01 -5.43 25.60
CA PRO B 28 0.88 -6.88 25.41
C PRO B 28 1.27 -7.36 24.01
N LYS B 29 0.93 -6.60 22.96
CA LYS B 29 1.26 -6.98 21.59
C LYS B 29 2.78 -6.90 21.40
N ARG B 30 3.38 -8.00 20.95
CA ARG B 30 4.82 -8.10 20.72
C ARG B 30 4.96 -8.60 19.29
N SER B 31 5.52 -7.75 18.42
CA SER B 31 5.63 -8.01 17.00
C SER B 31 6.59 -9.14 16.63
N SER B 32 6.53 -9.57 15.36
CA SER B 32 7.41 -10.59 14.80
C SER B 32 8.15 -10.01 13.55
N ASP B 33 9.06 -10.79 12.93
CA ASP B 33 9.82 -10.34 11.76
C ASP B 33 8.89 -10.08 10.55
N TYR B 34 8.47 -8.82 10.40
CA TYR B 34 7.55 -8.42 9.34
C TYR B 34 8.22 -8.24 7.99
N TYR B 35 9.51 -7.89 7.95
CA TYR B 35 10.20 -7.67 6.68
C TYR B 35 10.07 -8.80 5.67
N ASP B 36 9.93 -10.06 6.12
CA ASP B 36 9.79 -11.19 5.19
C ASP B 36 8.33 -11.59 5.03
N ARG B 37 7.50 -11.43 6.07
CA ARG B 37 6.08 -11.78 5.99
C ARG B 37 5.26 -10.83 5.10
N SER B 38 5.69 -9.58 4.94
CA SER B 38 4.94 -8.60 4.16
C SER B 38 4.80 -8.87 2.68
N THR B 39 3.73 -8.34 2.07
CA THR B 39 3.53 -8.37 0.62
C THR B 39 4.60 -7.51 -0.08
N SER B 40 5.20 -6.53 0.64
CA SER B 40 6.26 -5.64 0.18
C SER B 40 7.50 -5.92 1.04
N PRO B 41 8.34 -6.93 0.73
CA PRO B 41 9.49 -7.23 1.61
C PRO B 41 10.56 -6.17 1.61
N TRP B 42 11.37 -6.11 2.68
CA TRP B 42 12.43 -5.12 2.83
C TRP B 42 13.68 -5.67 3.53
N ASN B 43 14.82 -5.01 3.33
CA ASN B 43 16.11 -5.36 3.95
C ASN B 43 16.55 -4.18 4.80
N LEU B 44 17.22 -4.44 5.93
CA LEU B 44 17.66 -3.36 6.83
C LEU B 44 19.18 -3.07 6.81
N HIS B 45 19.56 -1.77 6.77
CA HIS B 45 20.94 -1.28 6.70
C HIS B 45 21.36 -0.62 8.00
N ARG B 46 22.55 -0.96 8.51
CA ARG B 46 23.03 -0.35 9.75
C ARG B 46 23.59 1.03 9.44
N ASN B 47 22.85 2.09 9.82
CA ASN B 47 23.30 3.46 9.67
C ASN B 47 23.99 3.81 10.99
N GLU B 48 25.31 3.59 11.06
CA GLU B 48 26.08 3.84 12.28
C GLU B 48 26.93 5.09 12.12
N ASP B 49 26.88 5.99 13.13
CA ASP B 49 27.66 7.23 13.13
C ASP B 49 27.90 7.64 14.60
N PRO B 50 29.14 7.53 15.12
CA PRO B 50 29.37 7.94 16.52
C PRO B 50 29.28 9.45 16.77
N GLU B 51 29.40 10.25 15.71
CA GLU B 51 29.22 11.69 15.80
C GLU B 51 27.75 12.08 16.04
N ARG B 52 26.80 11.17 15.79
CA ARG B 52 25.36 11.39 15.91
C ARG B 52 24.75 10.53 17.02
N TYR B 53 23.68 11.03 17.67
CA TYR B 53 22.94 10.28 18.69
C TYR B 53 21.48 10.26 18.27
N PRO B 54 20.84 9.09 18.13
CA PRO B 54 21.38 7.73 18.34
C PRO B 54 22.47 7.37 17.34
N SER B 55 23.48 6.62 17.79
CA SER B 55 24.59 6.24 16.95
C SER B 55 24.11 5.31 15.85
N VAL B 56 23.27 4.32 16.19
CA VAL B 56 22.77 3.35 15.22
C VAL B 56 21.28 3.52 14.92
N ILE B 57 20.93 3.49 13.62
CA ILE B 57 19.56 3.57 13.12
C ILE B 57 19.45 2.52 12.01
N TRP B 58 18.42 1.66 12.07
CA TRP B 58 18.24 0.60 11.07
C TRP B 58 17.24 1.01 10.00
N GLU B 59 17.74 1.34 8.79
CA GLU B 59 16.92 1.76 7.65
C GLU B 59 16.38 0.59 6.87
N ALA B 60 15.06 0.50 6.72
CA ALA B 60 14.44 -0.57 5.95
C ALA B 60 14.20 -0.08 4.53
N LYS B 61 14.68 -0.82 3.50
CA LYS B 61 14.48 -0.45 2.10
C LYS B 61 13.89 -1.60 1.31
N CYS B 62 12.82 -1.31 0.54
CA CYS B 62 12.05 -2.27 -0.26
C CYS B 62 12.96 -3.15 -1.10
N ARG B 63 12.74 -4.47 -1.04
CA ARG B 63 13.55 -5.44 -1.77
C ARG B 63 13.12 -5.52 -3.23
N HIS B 64 11.79 -5.42 -3.51
CA HIS B 64 11.25 -5.50 -4.86
C HIS B 64 10.46 -4.25 -5.24
N LEU B 65 10.31 -4.02 -6.56
CA LEU B 65 9.51 -2.91 -7.09
C LEU B 65 8.03 -3.24 -6.96
N GLY B 66 7.66 -4.49 -7.26
CA GLY B 66 6.29 -4.97 -7.14
C GLY B 66 6.03 -5.66 -5.82
N CYS B 67 4.79 -6.13 -5.63
CA CYS B 67 4.37 -6.83 -4.40
C CYS B 67 4.31 -8.35 -4.63
N ILE B 68 4.14 -9.15 -3.57
CA ILE B 68 4.11 -10.60 -3.67
C ILE B 68 2.67 -11.10 -3.78
N ASN B 69 2.34 -11.87 -4.83
CA ASN B 69 1.00 -12.44 -4.98
C ASN B 69 0.84 -13.70 -4.08
N ALA B 70 -0.40 -14.20 -3.95
CA ALA B 70 -0.69 -15.36 -3.11
C ALA B 70 0.19 -16.59 -3.40
N ASP B 71 0.56 -16.81 -4.66
CA ASP B 71 1.39 -17.95 -5.03
C ASP B 71 2.81 -17.75 -4.48
N GLY B 72 3.34 -16.54 -4.64
CA GLY B 72 4.67 -16.18 -4.16
C GLY B 72 5.58 -15.65 -5.26
N ASN B 73 5.10 -14.65 -6.01
CA ASN B 73 5.85 -14.03 -7.11
C ASN B 73 5.65 -12.52 -7.13
N VAL B 74 6.60 -11.80 -7.72
CA VAL B 74 6.55 -10.35 -7.79
C VAL B 74 5.54 -9.84 -8.83
N ASP B 75 4.36 -9.42 -8.38
CA ASP B 75 3.31 -8.83 -9.20
C ASP B 75 3.78 -7.42 -9.58
N TYR B 76 4.22 -7.25 -10.82
CA TYR B 76 4.69 -5.94 -11.30
C TYR B 76 3.54 -4.94 -11.52
N HIS B 77 2.26 -5.38 -11.42
CA HIS B 77 1.11 -4.49 -11.54
C HIS B 77 0.83 -3.71 -10.22
N MET B 78 1.54 -4.04 -9.12
CA MET B 78 1.46 -3.36 -7.82
C MET B 78 2.85 -2.82 -7.44
N ASN B 79 2.92 -1.87 -6.48
CA ASN B 79 4.20 -1.26 -6.11
C ASN B 79 4.49 -1.27 -4.61
N SER B 80 5.74 -1.56 -4.25
CA SER B 80 6.22 -1.54 -2.87
C SER B 80 6.83 -0.16 -2.65
N VAL B 81 6.42 0.58 -1.61
CA VAL B 81 6.95 1.92 -1.34
C VAL B 81 7.47 2.03 0.09
N PRO B 82 8.60 2.73 0.30
CA PRO B 82 9.12 2.87 1.67
C PRO B 82 8.39 3.96 2.44
N ILE B 83 8.23 3.77 3.76
CA ILE B 83 7.57 4.76 4.61
C ILE B 83 8.68 5.61 5.18
N GLN B 84 8.93 6.77 4.59
CA GLN B 84 10.01 7.65 5.02
C GLN B 84 9.53 8.61 6.10
N GLN B 85 10.20 8.59 7.27
CA GLN B 85 9.86 9.38 8.45
C GLN B 85 11.00 10.32 8.81
N GLU B 86 10.70 11.61 8.98
CA GLU B 86 11.72 12.58 9.41
C GLU B 86 11.78 12.53 10.93
N ILE B 87 12.96 12.25 11.52
CA ILE B 87 13.09 12.18 12.97
C ILE B 87 14.18 13.11 13.47
N LEU B 88 14.09 13.50 14.73
CA LEU B 88 15.06 14.41 15.32
C LEU B 88 16.25 13.66 15.85
N VAL B 89 17.47 14.12 15.51
CA VAL B 89 18.74 13.52 15.96
C VAL B 89 19.76 14.62 16.32
N LEU B 90 20.67 14.33 17.29
CA LEU B 90 21.71 15.28 17.73
C LEU B 90 23.06 14.95 17.06
N ARG B 91 23.93 15.95 16.94
CA ARG B 91 25.24 15.75 16.34
C ARG B 91 26.29 16.58 17.06
N ARG B 92 27.48 16.00 17.26
CA ARG B 92 28.59 16.70 17.90
C ARG B 92 29.19 17.68 16.90
N GLU B 93 28.85 18.97 17.04
CA GLU B 93 29.33 20.04 16.16
C GLU B 93 30.83 20.22 16.45
N PRO B 94 31.67 20.48 15.42
CA PRO B 94 33.12 20.57 15.67
C PRO B 94 33.54 21.47 16.83
N PRO B 95 34.72 21.18 17.41
CA PRO B 95 35.18 22.02 18.53
C PRO B 95 35.55 23.45 18.12
N HIS B 96 35.96 23.66 16.85
CA HIS B 96 36.30 24.99 16.35
C HIS B 96 35.04 25.86 16.14
N SER B 97 33.94 25.26 15.64
CA SER B 97 32.69 25.97 15.43
C SER B 97 32.12 26.49 16.77
N PRO B 98 31.48 27.68 16.82
CA PRO B 98 30.97 28.19 18.10
C PRO B 98 30.16 27.22 18.97
N ASN B 99 29.25 26.45 18.36
CA ASN B 99 28.40 25.51 19.08
C ASN B 99 29.10 24.16 19.27
N SER B 100 28.77 23.46 20.37
CA SER B 100 29.31 22.12 20.66
C SER B 100 28.39 21.02 20.09
N PHE B 101 27.06 21.28 20.00
CA PHE B 101 26.07 20.33 19.46
C PHE B 101 25.13 21.03 18.46
N ARG B 102 24.64 20.27 17.47
CA ARG B 102 23.75 20.79 16.43
C ARG B 102 22.59 19.82 16.23
N LEU B 103 21.36 20.33 16.26
CA LEU B 103 20.18 19.48 16.08
C LEU B 103 19.90 19.34 14.60
N GLU B 104 19.71 18.10 14.11
CA GLU B 104 19.48 17.83 12.70
C GLU B 104 18.21 17.00 12.47
N LYS B 105 17.57 17.20 11.30
CA LYS B 105 16.38 16.45 10.89
C LYS B 105 16.81 15.49 9.79
N ILE B 106 16.56 14.19 9.95
CA ILE B 106 16.95 13.20 8.95
C ILE B 106 15.77 12.44 8.36
N LEU B 107 15.74 12.32 7.03
CA LEU B 107 14.71 11.59 6.32
C LEU B 107 15.28 10.17 6.16
N VAL B 108 14.65 9.19 6.82
CA VAL B 108 15.12 7.79 6.80
C VAL B 108 13.97 6.84 6.50
N SER B 109 14.28 5.70 5.87
CA SER B 109 13.27 4.70 5.52
C SER B 109 12.97 3.78 6.70
N VAL B 110 11.70 3.76 7.16
CA VAL B 110 11.24 3.00 8.34
C VAL B 110 10.76 1.58 8.00
N GLY B 111 9.92 1.47 6.97
CA GLY B 111 9.37 0.19 6.54
C GLY B 111 8.91 0.26 5.10
N CYS B 112 8.06 -0.67 4.69
CA CYS B 112 7.52 -0.69 3.34
C CYS B 112 6.04 -1.08 3.35
N THR B 113 5.30 -0.69 2.32
CA THR B 113 3.87 -1.03 2.18
C THR B 113 3.52 -1.19 0.70
N CYS B 114 2.50 -1.99 0.43
CA CYS B 114 2.06 -2.26 -0.94
C CYS B 114 0.96 -1.26 -1.33
N VAL B 115 1.13 -0.56 -2.47
CA VAL B 115 0.18 0.44 -2.95
C VAL B 115 -0.25 0.20 -4.38
N THR B 116 -1.44 0.68 -4.73
CA THR B 116 -1.95 0.62 -6.08
C THR B 116 -1.28 1.76 -6.87
N PRO B 117 -0.71 1.53 -8.07
CA PRO B 117 -0.09 2.64 -8.81
C PRO B 117 -1.11 3.59 -9.41
N ILE B 118 -0.69 4.82 -9.72
CA ILE B 118 -1.58 5.83 -10.30
C ILE B 118 -1.63 5.66 -11.82
N VAL B 119 -2.80 5.97 -12.42
CA VAL B 119 -3.06 5.84 -13.86
C VAL B 119 -3.67 7.15 -14.37
N HIS B 120 -3.00 7.81 -15.34
CA HIS B 120 -3.47 9.08 -15.87
C HIS B 120 -4.28 8.94 -17.17
N HIS B 121 -5.42 8.23 -17.08
CA HIS B 121 -6.32 8.03 -18.22
C HIS B 121 -5.61 7.48 -19.46
N LEU C 1 11.61 -5.60 25.19
CA LEU C 1 12.72 -4.85 25.75
C LEU C 1 12.36 -4.25 27.11
N ARG C 2 12.90 -4.85 28.18
CA ARG C 2 12.64 -4.38 29.55
C ARG C 2 13.50 -5.17 30.54
N LEU C 3 13.80 -4.57 31.70
CA LEU C 3 14.55 -5.25 32.75
C LEU C 3 13.73 -6.37 33.33
N LEU C 4 14.39 -7.42 33.81
CA LEU C 4 13.69 -8.51 34.48
C LEU C 4 13.07 -8.00 35.77
N ASP C 5 13.82 -7.19 36.53
CA ASP C 5 13.33 -6.59 37.77
C ASP C 5 14.32 -5.53 38.27
N HIS C 6 13.81 -4.42 38.84
CA HIS C 6 14.66 -3.36 39.40
C HIS C 6 15.08 -3.81 40.81
N ARG C 7 15.98 -4.81 40.85
CA ARG C 7 16.45 -5.47 42.08
C ARG C 7 17.97 -5.19 42.33
N ALA C 8 18.72 -6.07 43.04
CA ALA C 8 20.14 -5.88 43.34
C ALA C 8 21.03 -6.22 42.11
N LEU C 9 20.84 -5.46 41.02
CA LEU C 9 21.61 -5.62 39.80
C LEU C 9 22.95 -4.88 40.01
N VAL C 10 23.85 -5.50 40.79
CA VAL C 10 25.15 -4.91 41.13
C VAL C 10 26.27 -5.80 40.58
N CYS C 11 27.34 -5.19 40.04
CA CYS C 11 28.47 -5.92 39.45
C CYS C 11 29.65 -6.15 40.41
N SER C 12 29.49 -5.93 41.72
CA SER C 12 30.60 -6.13 42.67
C SER C 12 30.97 -7.61 42.83
N GLN C 13 31.92 -8.09 42.00
CA GLN C 13 32.40 -9.48 42.04
C GLN C 13 33.83 -9.52 42.63
N PRO C 14 34.35 -10.70 43.06
CA PRO C 14 35.69 -10.74 43.66
C PRO C 14 36.78 -10.12 42.81
N GLY C 15 37.67 -9.37 43.45
CA GLY C 15 38.73 -8.65 42.78
C GLY C 15 38.18 -7.58 41.85
N LEU C 16 37.09 -6.92 42.27
CA LEU C 16 36.45 -5.91 41.42
C LEU C 16 35.35 -5.17 42.20
N ASP C 17 35.53 -3.86 42.40
CA ASP C 17 34.55 -3.03 43.09
C ASP C 17 33.84 -2.19 42.06
N CYS C 18 32.50 -2.33 41.94
CA CYS C 18 31.72 -1.58 40.96
C CYS C 18 30.21 -1.68 41.25
N THR C 19 29.38 -0.99 40.46
CA THR C 19 27.91 -1.03 40.57
C THR C 19 27.31 -0.79 39.18
N VAL C 20 26.18 -1.45 38.88
CA VAL C 20 25.51 -1.29 37.58
C VAL C 20 24.38 -0.27 37.69
N LYS C 21 24.62 0.95 37.21
CA LYS C 21 23.61 2.00 37.22
C LYS C 21 22.75 1.91 35.98
N ASN C 22 21.42 1.93 36.15
CA ASN C 22 20.50 1.96 34.99
C ASN C 22 20.66 3.36 34.35
N SER C 23 20.95 3.44 33.04
CA SER C 23 21.20 4.73 32.40
C SER C 23 20.25 5.05 31.26
N THR C 24 20.28 6.32 30.85
CA THR C 24 19.47 6.87 29.76
C THR C 24 19.99 6.49 28.35
N CYS C 25 21.07 5.70 28.26
CA CYS C 25 21.70 5.32 27.01
C CYS C 25 22.36 6.50 26.36
N LEU C 26 23.21 7.17 27.11
CA LEU C 26 23.96 8.34 26.64
C LEU C 26 24.88 8.78 27.76
N ASP C 27 26.02 8.10 27.89
CA ASP C 27 26.95 8.39 28.96
C ASP C 27 27.47 9.82 28.89
N ASP C 28 27.88 10.38 30.03
CA ASP C 28 28.42 11.73 30.10
C ASP C 28 29.64 11.89 29.17
N SER C 29 30.42 10.81 28.99
CA SER C 29 31.60 10.78 28.13
C SER C 29 31.27 10.95 26.64
N TRP C 30 30.05 10.62 26.22
CA TRP C 30 29.61 10.84 24.84
C TRP C 30 29.54 12.37 24.60
N ILE C 31 28.97 13.08 25.57
CA ILE C 31 28.76 14.53 25.54
C ILE C 31 30.10 15.27 25.65
N HIS C 32 30.88 15.01 26.72
CA HIS C 32 32.16 15.67 26.98
C HIS C 32 33.29 14.60 27.08
N PRO C 33 33.90 14.19 25.95
CA PRO C 33 34.92 13.12 26.01
C PRO C 33 36.27 13.50 26.64
N ARG C 34 37.15 12.49 26.82
CA ARG C 34 38.49 12.62 27.41
C ARG C 34 39.58 12.14 26.44
N ASN C 35 40.83 12.61 26.60
CA ASN C 35 41.95 12.19 25.75
C ASN C 35 42.20 10.68 25.87
N LEU C 36 41.99 10.08 27.05
CA LEU C 36 42.14 8.64 27.25
C LEU C 36 41.08 7.88 26.44
N THR C 37 41.36 6.61 26.13
CA THR C 37 40.44 5.76 25.36
C THR C 37 40.67 4.28 25.73
N PRO C 38 39.74 3.61 26.44
CA PRO C 38 39.97 2.20 26.81
C PRO C 38 39.93 1.24 25.62
N SER C 39 40.32 -0.02 25.84
CA SER C 39 40.32 -1.03 24.78
C SER C 39 38.90 -1.48 24.42
N SER C 40 38.75 -2.22 23.31
CA SER C 40 37.44 -2.76 22.90
C SER C 40 37.12 -4.03 23.71
N PRO C 41 35.84 -4.44 23.83
CA PRO C 41 35.52 -5.69 24.54
C PRO C 41 35.73 -6.89 23.63
N LYS C 42 36.79 -7.68 23.87
CA LYS C 42 37.08 -8.83 23.01
C LYS C 42 36.12 -9.98 23.24
N ASP C 43 35.82 -10.73 22.17
CA ASP C 43 34.96 -11.92 22.17
C ASP C 43 33.65 -11.75 22.93
N LEU C 44 32.84 -10.83 22.44
CA LEU C 44 31.52 -10.58 23.00
C LEU C 44 30.62 -11.73 22.59
N GLN C 45 29.75 -12.19 23.50
CA GLN C 45 28.81 -13.26 23.19
C GLN C 45 27.55 -13.15 24.03
N ILE C 46 26.40 -13.52 23.44
CA ILE C 46 25.10 -13.51 24.11
C ILE C 46 24.48 -14.92 23.99
N GLN C 47 23.71 -15.31 24.99
CA GLN C 47 23.07 -16.62 25.04
C GLN C 47 21.70 -16.48 25.70
N LEU C 48 20.64 -16.96 25.05
CA LEU C 48 19.29 -16.89 25.60
C LEU C 48 19.10 -17.86 26.76
N HIS C 49 18.16 -17.55 27.64
CA HIS C 49 17.85 -18.34 28.82
C HIS C 49 16.39 -18.11 29.26
N PHE C 50 15.97 -18.75 30.36
CA PHE C 50 14.63 -18.58 30.91
C PHE C 50 14.73 -18.68 32.43
N ALA C 51 14.51 -17.55 33.13
CA ALA C 51 14.60 -17.49 34.58
C ALA C 51 13.22 -17.24 35.18
N HIS C 52 12.80 -18.11 36.11
CA HIS C 52 11.50 -17.97 36.75
C HIS C 52 11.53 -16.78 37.70
N THR C 53 10.59 -15.85 37.52
CA THR C 53 10.52 -14.63 38.31
C THR C 53 9.87 -14.87 39.71
N GLN C 54 9.86 -13.82 40.57
CA GLN C 54 9.25 -13.85 41.92
C GLN C 54 7.77 -14.25 41.86
N GLN C 55 7.04 -13.73 40.85
CA GLN C 55 5.63 -14.03 40.65
C GLN C 55 5.37 -15.53 40.40
N GLY C 56 6.32 -16.18 39.73
CA GLY C 56 6.21 -17.58 39.33
C GLY C 56 6.17 -17.74 37.81
N ASP C 57 6.13 -16.61 37.06
CA ASP C 57 6.07 -16.63 35.60
C ASP C 57 7.48 -16.82 35.03
N LEU C 58 7.57 -17.50 33.88
CA LEU C 58 8.84 -17.75 33.20
C LEU C 58 8.92 -16.83 31.99
N PHE C 59 10.08 -16.18 31.76
CA PHE C 59 10.22 -15.27 30.62
C PHE C 59 11.51 -15.50 29.84
N PRO C 60 11.50 -15.18 28.52
CA PRO C 60 12.74 -15.32 27.74
C PRO C 60 13.67 -14.18 28.13
N VAL C 61 14.90 -14.52 28.55
CA VAL C 61 15.88 -13.55 29.01
C VAL C 61 17.22 -13.68 28.26
N ALA C 62 17.92 -12.55 28.03
CA ALA C 62 19.21 -12.51 27.32
C ALA C 62 20.38 -12.40 28.30
N HIS C 63 21.27 -13.41 28.26
CA HIS C 63 22.45 -13.51 29.11
C HIS C 63 23.67 -13.04 28.29
N ILE C 64 24.26 -11.88 28.63
CA ILE C 64 25.39 -11.31 27.90
C ILE C 64 26.69 -11.53 28.66
N GLU C 65 27.79 -11.78 27.94
CA GLU C 65 29.10 -12.03 28.54
C GLU C 65 30.24 -11.68 27.58
N TRP C 66 31.38 -11.23 28.13
CA TRP C 66 32.53 -10.82 27.32
C TRP C 66 33.83 -10.79 28.14
N THR C 67 34.98 -10.63 27.44
CA THR C 67 36.31 -10.58 28.04
C THR C 67 37.08 -9.32 27.61
N LEU C 68 37.80 -8.68 28.54
CA LEU C 68 38.55 -7.47 28.24
C LEU C 68 39.90 -7.81 27.63
N GLN C 69 40.43 -6.88 26.83
CA GLN C 69 41.75 -7.06 26.25
C GLN C 69 42.80 -6.87 27.35
N THR C 70 43.89 -7.64 27.30
CA THR C 70 44.94 -7.57 28.33
C THR C 70 45.96 -6.43 28.10
N ASP C 71 45.59 -5.40 27.34
CA ASP C 71 46.47 -4.26 27.08
C ASP C 71 46.48 -3.29 28.27
N ALA C 72 47.42 -2.34 28.29
CA ALA C 72 47.53 -1.34 29.37
C ALA C 72 46.26 -0.46 29.50
N SER C 73 45.53 -0.25 28.39
CA SER C 73 44.30 0.54 28.42
C SER C 73 43.26 -0.01 29.38
N ILE C 74 43.37 -1.27 29.81
CA ILE C 74 42.43 -1.86 30.75
C ILE C 74 42.43 -1.08 32.08
N LEU C 75 43.57 -0.43 32.44
CA LEU C 75 43.67 0.37 33.66
C LEU C 75 42.69 1.55 33.56
N TYR C 76 42.76 2.30 32.46
CA TYR C 76 41.90 3.47 32.24
C TYR C 76 40.55 3.05 31.68
N LEU C 77 39.75 2.39 32.52
CA LEU C 77 38.43 1.90 32.15
C LEU C 77 37.43 2.26 33.24
N GLU C 78 36.42 3.07 32.89
CA GLU C 78 35.37 3.47 33.82
C GLU C 78 34.22 2.45 33.88
N GLY C 79 33.80 1.89 32.75
CA GLY C 79 32.69 0.94 32.72
C GLY C 79 32.20 0.52 31.34
N ALA C 80 30.86 0.37 31.15
CA ALA C 80 30.30 -0.06 29.85
C ALA C 80 28.77 0.19 29.69
N GLU C 81 28.34 0.46 28.44
CA GLU C 81 26.93 0.66 28.05
C GLU C 81 26.48 -0.65 27.39
N LEU C 82 25.76 -1.52 28.12
CA LEU C 82 25.31 -2.79 27.55
C LEU C 82 24.01 -2.55 26.77
N SER C 83 24.15 -1.98 25.57
CA SER C 83 23.01 -1.65 24.71
C SER C 83 22.41 -2.87 24.00
N VAL C 84 21.08 -2.93 23.95
CA VAL C 84 20.29 -3.99 23.33
C VAL C 84 19.24 -3.29 22.46
N LEU C 85 19.67 -2.81 21.29
CA LEU C 85 18.83 -2.08 20.35
C LEU C 85 18.01 -3.05 19.48
N GLN C 86 16.67 -3.00 19.59
CA GLN C 86 15.77 -3.80 18.77
C GLN C 86 15.70 -3.15 17.38
N LEU C 87 15.75 -3.95 16.33
CA LEU C 87 15.80 -3.41 14.96
C LEU C 87 14.42 -3.10 14.40
N ASN C 88 13.40 -3.89 14.76
CA ASN C 88 12.03 -3.66 14.29
C ASN C 88 11.49 -2.30 14.71
N THR C 89 11.94 -1.78 15.86
CA THR C 89 11.44 -0.52 16.42
C THR C 89 12.51 0.52 16.74
N ASN C 90 13.80 0.18 16.61
CA ASN C 90 14.93 1.07 16.94
C ASN C 90 14.92 1.57 18.41
N GLU C 91 14.13 0.90 19.28
CA GLU C 91 14.03 1.24 20.71
C GLU C 91 15.35 0.93 21.43
N ARG C 92 15.90 1.90 22.17
CA ARG C 92 17.17 1.75 22.85
C ARG C 92 17.00 1.31 24.31
N LEU C 93 17.76 0.25 24.69
CA LEU C 93 17.81 -0.36 26.03
C LEU C 93 19.28 -0.50 26.43
N CYS C 94 19.64 -0.27 27.70
CA CYS C 94 21.05 -0.35 28.12
C CYS C 94 21.23 -0.23 29.65
N VAL C 95 22.45 -0.54 30.15
CA VAL C 95 22.83 -0.37 31.56
C VAL C 95 24.30 0.10 31.60
N ARG C 96 24.58 1.09 32.48
CA ARG C 96 25.91 1.72 32.63
C ARG C 96 26.69 1.11 33.79
N PHE C 97 27.78 0.36 33.51
CA PHE C 97 28.64 -0.16 34.57
C PHE C 97 29.55 0.99 35.04
N GLU C 98 29.88 1.02 36.34
CA GLU C 98 30.74 2.07 36.88
C GLU C 98 31.66 1.50 37.95
N PHE C 99 32.97 1.53 37.69
CA PHE C 99 33.99 0.97 38.55
C PHE C 99 34.39 1.88 39.71
N LEU C 100 34.38 1.35 40.94
CA LEU C 100 34.83 2.08 42.12
C LEU C 100 36.37 2.03 42.07
N SER C 101 36.95 0.81 42.03
CA SER C 101 38.40 0.59 41.98
C SER C 101 38.80 0.32 40.54
N LYS C 102 39.88 0.95 40.06
CA LYS C 102 40.33 0.77 38.69
C LYS C 102 41.09 -0.56 38.56
N LEU C 103 40.91 -1.25 37.43
CA LEU C 103 41.46 -2.59 37.23
C LEU C 103 43.00 -2.61 37.16
N ARG C 104 43.61 -3.59 37.85
CA ARG C 104 45.06 -3.79 37.88
C ARG C 104 45.38 -5.31 37.87
N HIS C 105 46.68 -5.66 37.77
CA HIS C 105 47.24 -7.01 37.86
C HIS C 105 47.04 -7.95 36.64
N HIS C 106 45.81 -8.11 36.11
CA HIS C 106 45.56 -9.03 34.99
C HIS C 106 45.62 -10.50 35.53
N HIS C 107 46.54 -11.39 35.04
CA HIS C 107 46.73 -12.78 35.47
C HIS C 107 45.63 -13.74 34.96
N ARG C 108 44.36 -13.37 35.12
CA ARG C 108 43.21 -14.13 34.63
C ARG C 108 42.32 -13.21 33.82
N ARG C 109 41.74 -13.73 32.74
CA ARG C 109 40.88 -12.93 31.87
C ARG C 109 39.63 -12.50 32.60
N TRP C 110 39.49 -11.19 32.83
CA TRP C 110 38.34 -10.66 33.54
C TRP C 110 37.10 -10.84 32.67
N ARG C 111 35.99 -11.23 33.31
CA ARG C 111 34.74 -11.53 32.61
C ARG C 111 33.53 -11.02 33.39
N PHE C 112 32.50 -10.55 32.66
CA PHE C 112 31.26 -10.01 33.27
C PHE C 112 30.07 -10.69 32.64
N THR C 113 29.04 -10.94 33.45
CA THR C 113 27.81 -11.57 32.97
C THR C 113 26.61 -10.69 33.34
N PHE C 114 25.54 -10.75 32.54
CA PHE C 114 24.34 -9.95 32.80
C PHE C 114 23.08 -10.74 32.45
N SER C 115 22.47 -11.37 33.47
CA SER C 115 21.28 -12.19 33.32
C SER C 115 20.03 -11.39 33.73
N HIS C 116 19.79 -10.20 33.15
CA HIS C 116 18.64 -9.37 33.53
C HIS C 116 18.06 -8.53 32.38
N PHE C 117 17.71 -9.17 31.25
CA PHE C 117 17.11 -8.47 30.12
C PHE C 117 16.02 -9.32 29.48
N VAL C 118 14.72 -8.98 29.67
CA VAL C 118 13.61 -9.73 29.05
C VAL C 118 13.55 -9.38 27.56
N VAL C 119 13.44 -10.40 26.70
CA VAL C 119 13.38 -10.22 25.25
C VAL C 119 12.05 -10.74 24.70
N ASP C 120 11.57 -10.12 23.62
CA ASP C 120 10.33 -10.52 22.94
C ASP C 120 10.63 -11.61 21.89
N PRO C 121 10.04 -12.82 21.97
CA PRO C 121 10.32 -13.85 20.96
C PRO C 121 10.12 -13.42 19.51
N ASP C 122 10.94 -13.99 18.62
CA ASP C 122 10.91 -13.72 17.17
C ASP C 122 11.19 -12.25 16.84
N GLN C 123 12.31 -11.72 17.38
CA GLN C 123 12.74 -10.33 17.15
C GLN C 123 14.25 -10.27 17.03
N GLU C 124 14.77 -9.54 16.03
CA GLU C 124 16.20 -9.39 15.84
C GLU C 124 16.66 -8.14 16.61
N TYR C 125 17.73 -8.27 17.40
CA TYR C 125 18.34 -7.21 18.21
C TYR C 125 19.81 -7.00 17.81
N GLU C 126 20.47 -5.97 18.33
CA GLU C 126 21.88 -5.71 18.08
C GLU C 126 22.47 -5.35 19.43
N VAL C 127 23.12 -6.31 20.07
CA VAL C 127 23.71 -6.12 21.40
C VAL C 127 25.10 -5.49 21.29
N THR C 128 25.20 -4.18 21.50
CA THR C 128 26.46 -3.46 21.46
C THR C 128 26.96 -3.24 22.89
N VAL C 129 28.26 -3.39 23.13
CA VAL C 129 28.85 -3.16 24.46
C VAL C 129 29.86 -2.04 24.31
N HIS C 130 29.48 -0.79 24.68
CA HIS C 130 30.33 0.41 24.55
C HIS C 130 31.14 0.67 25.84
N HIS C 131 32.46 0.34 25.84
CA HIS C 131 33.32 0.57 27.00
C HIS C 131 33.46 2.07 27.29
N LEU C 132 33.61 2.45 28.56
CA LEU C 132 33.71 3.84 28.96
C LEU C 132 35.10 4.18 29.49
N PRO C 133 35.58 5.42 29.32
CA PRO C 133 34.93 6.54 28.61
C PRO C 133 34.83 6.29 27.12
N LYS C 134 33.75 6.76 26.49
CA LYS C 134 33.57 6.59 25.05
C LYS C 134 34.67 7.35 24.29
N PRO C 135 35.06 6.86 23.10
CA PRO C 135 36.14 7.52 22.37
C PRO C 135 35.78 8.90 21.86
N ILE C 136 36.82 9.63 21.45
CA ILE C 136 36.66 10.97 20.92
C ILE C 136 36.10 10.91 19.50
N PRO C 137 35.46 11.99 18.99
CA PRO C 137 35.08 11.99 17.56
C PRO C 137 36.33 11.86 16.69
N ASP C 138 36.22 11.16 15.55
CA ASP C 138 37.38 10.85 14.69
C ASP C 138 38.37 9.96 15.48
N GLY C 139 37.83 9.07 16.31
CA GLY C 139 38.63 8.17 17.14
C GLY C 139 38.22 6.74 16.95
N ASP C 140 39.13 5.82 17.28
CA ASP C 140 38.89 4.38 17.11
C ASP C 140 37.73 3.92 18.01
N PRO C 141 36.99 2.87 17.61
CA PRO C 141 35.87 2.41 18.45
C PRO C 141 36.36 1.46 19.53
N ASN C 142 35.73 1.53 20.70
CA ASN C 142 36.07 0.64 21.81
C ASN C 142 34.85 -0.26 22.09
N HIS C 143 34.14 -0.72 21.05
CA HIS C 143 32.93 -1.51 21.17
C HIS C 143 32.86 -2.65 20.16
N GLN C 144 31.96 -3.61 20.44
CA GLN C 144 31.67 -4.74 19.56
C GLN C 144 30.14 -4.94 19.53
N SER C 145 29.60 -5.19 18.33
CA SER C 145 28.17 -5.36 18.09
C SER C 145 27.88 -6.77 17.63
N LYS C 146 26.74 -7.31 18.05
CA LYS C 146 26.33 -8.64 17.69
C LYS C 146 24.81 -8.66 17.42
N ASN C 147 24.40 -9.09 16.21
CA ASN C 147 22.99 -9.20 15.86
C ASN C 147 22.35 -10.43 16.54
N PHE C 148 21.88 -10.24 17.79
CA PHE C 148 21.19 -11.31 18.55
C PHE C 148 19.78 -11.52 17.97
N LEU C 149 19.21 -12.71 18.18
CA LEU C 149 17.89 -13.04 17.64
C LEU C 149 17.25 -14.15 18.48
N VAL C 150 15.94 -14.02 18.74
CA VAL C 150 15.20 -14.95 19.59
C VAL C 150 14.34 -15.84 18.67
N PRO C 151 14.32 -17.17 18.85
CA PRO C 151 13.50 -18.01 17.95
C PRO C 151 12.01 -17.96 18.25
N ASP C 152 11.21 -18.39 17.26
CA ASP C 152 9.76 -18.42 17.38
C ASP C 152 9.25 -19.45 18.42
N CYS C 153 7.95 -19.37 18.77
CA CYS C 153 7.34 -20.26 19.75
C CYS C 153 7.30 -21.73 19.33
N GLU C 154 7.48 -22.03 18.04
CA GLU C 154 7.50 -23.43 17.59
C GLU C 154 8.68 -24.24 18.20
N HIS C 155 9.70 -23.53 18.76
CA HIS C 155 10.83 -24.14 19.47
C HIS C 155 10.28 -24.63 20.83
N ALA C 156 10.69 -25.83 21.27
CA ALA C 156 10.20 -26.44 22.52
C ALA C 156 10.42 -25.59 23.78
N ARG C 157 11.61 -25.00 23.93
CA ARG C 157 11.92 -24.18 25.12
C ARG C 157 11.30 -22.77 25.08
N MET C 158 10.75 -22.35 23.92
CA MET C 158 10.10 -21.03 23.78
C MET C 158 8.60 -21.13 24.05
N LYS C 159 7.95 -22.18 23.51
CA LYS C 159 6.51 -22.43 23.66
C LYS C 159 6.09 -22.40 25.15
N VAL C 160 6.96 -22.90 26.03
CA VAL C 160 6.71 -22.96 27.47
C VAL C 160 6.75 -21.58 28.15
N THR C 161 7.47 -20.61 27.59
CA THR C 161 7.59 -19.28 28.20
C THR C 161 6.24 -18.51 28.20
N THR C 162 6.13 -17.47 29.05
CA THR C 162 4.90 -16.69 29.21
C THR C 162 4.38 -16.03 27.91
N PRO C 163 5.22 -15.32 27.13
CA PRO C 163 4.71 -14.69 25.90
C PRO C 163 4.07 -15.63 24.87
N CYS C 164 4.50 -16.90 24.84
CA CYS C 164 3.96 -17.89 23.90
C CYS C 164 2.61 -18.46 24.34
N MET C 165 2.46 -18.80 25.63
CA MET C 165 1.23 -19.42 26.14
C MET C 165 0.02 -18.50 26.07
N SER C 166 0.20 -17.20 26.30
CA SER C 166 -0.90 -16.23 26.20
C SER C 166 -1.27 -15.96 24.72
N SER C 167 -0.30 -16.06 23.80
CA SER C 167 -0.52 -15.86 22.37
C SER C 167 -1.45 -16.92 21.76
N GLY C 168 -1.36 -18.15 22.28
CA GLY C 168 -2.18 -19.28 21.82
C GLY C 168 -1.37 -20.43 21.26
N SER C 169 -0.29 -20.82 21.97
CA SER C 169 0.59 -21.91 21.55
C SER C 169 0.11 -23.24 22.13
N LEU C 170 -0.24 -23.25 23.43
CA LEU C 170 -0.72 -24.45 24.13
C LEU C 170 -2.01 -24.94 23.48
N TRP C 171 -2.92 -24.01 23.15
CA TRP C 171 -4.22 -24.27 22.55
C TRP C 171 -4.15 -25.16 21.29
N ASP C 172 -4.98 -26.21 21.25
CA ASP C 172 -5.10 -27.15 20.12
C ASP C 172 -6.62 -27.25 19.86
N PRO C 173 -7.11 -26.90 18.65
CA PRO C 173 -8.56 -26.91 18.44
C PRO C 173 -9.25 -28.27 18.36
N ASP C 174 -8.63 -29.26 17.69
CA ASP C 174 -9.21 -30.59 17.48
C ASP C 174 -10.44 -30.40 16.59
N ILE C 175 -10.19 -30.02 15.35
CA ILE C 175 -11.22 -29.68 14.36
C ILE C 175 -12.01 -30.92 13.93
N THR C 176 -13.10 -31.25 14.67
CA THR C 176 -13.96 -32.39 14.34
C THR C 176 -14.97 -31.97 13.26
N VAL C 177 -14.45 -31.49 12.13
CA VAL C 177 -15.28 -31.05 11.00
C VAL C 177 -15.85 -32.30 10.28
N GLU C 178 -17.11 -32.22 9.76
CA GLU C 178 -17.75 -33.35 9.08
C GLU C 178 -18.39 -32.95 7.72
N THR C 179 -18.09 -33.70 6.65
CA THR C 179 -18.66 -33.46 5.33
C THR C 179 -20.08 -33.97 5.34
N LEU C 180 -21.02 -33.11 5.72
CA LEU C 180 -22.43 -33.49 5.79
C LEU C 180 -22.98 -33.71 4.38
N GLU C 181 -23.79 -34.77 4.20
CA GLU C 181 -24.38 -35.11 2.90
C GLU C 181 -25.31 -34.03 2.36
N ALA C 182 -25.87 -33.16 3.23
CA ALA C 182 -26.78 -32.10 2.80
C ALA C 182 -26.07 -30.88 2.19
N HIS C 183 -24.87 -31.07 1.58
CA HIS C 183 -24.06 -29.98 1.01
C HIS C 183 -23.72 -28.96 2.11
N GLN C 184 -23.40 -29.44 3.33
CA GLN C 184 -23.07 -28.60 4.49
C GLN C 184 -21.74 -29.09 5.14
N LEU C 185 -21.13 -28.25 5.99
CA LEU C 185 -19.88 -28.59 6.65
C LEU C 185 -19.99 -28.24 8.14
N ARG C 186 -19.81 -29.25 9.00
CA ARG C 186 -19.93 -29.11 10.46
C ARG C 186 -18.63 -28.68 11.13
N VAL C 187 -18.38 -27.38 11.20
CA VAL C 187 -17.17 -26.85 11.84
C VAL C 187 -17.25 -27.01 13.35
N SER C 188 -16.12 -27.27 14.01
CA SER C 188 -16.10 -27.47 15.45
C SER C 188 -14.69 -27.37 16.03
N PHE C 189 -14.55 -26.84 17.26
CA PHE C 189 -13.26 -26.71 17.92
C PHE C 189 -13.39 -26.30 19.39
N THR C 190 -12.43 -26.71 20.23
CA THR C 190 -12.39 -26.31 21.63
C THR C 190 -11.64 -24.98 21.71
N LEU C 191 -12.06 -24.08 22.64
CA LEU C 191 -11.43 -22.76 22.79
C LEU C 191 -10.58 -22.64 24.06
N TRP C 192 -9.60 -21.71 24.07
CA TRP C 192 -8.69 -21.48 25.19
C TRP C 192 -9.34 -20.67 26.33
N ASN C 193 -8.79 -20.75 27.58
CA ASN C 193 -9.34 -20.04 28.75
C ASN C 193 -9.05 -18.52 28.73
N GLU C 194 -9.64 -17.82 27.75
CA GLU C 194 -9.51 -16.37 27.57
C GLU C 194 -10.73 -15.90 26.77
N SER C 195 -11.41 -14.85 27.25
CA SER C 195 -12.62 -14.36 26.59
C SER C 195 -12.27 -13.49 25.38
N THR C 196 -12.49 -14.01 24.17
CA THR C 196 -12.22 -13.28 22.94
C THR C 196 -12.97 -13.89 21.76
N HIS C 197 -13.15 -13.12 20.68
CA HIS C 197 -13.86 -13.62 19.50
C HIS C 197 -12.99 -14.46 18.56
N TYR C 198 -13.57 -15.53 18.00
CA TYR C 198 -12.92 -16.43 17.05
C TYR C 198 -13.73 -16.36 15.74
N GLN C 199 -13.05 -16.33 14.59
CA GLN C 199 -13.74 -16.25 13.29
C GLN C 199 -13.31 -17.38 12.34
N ILE C 200 -14.27 -18.16 11.85
CA ILE C 200 -14.01 -19.24 10.92
C ILE C 200 -13.85 -18.67 9.51
N LEU C 201 -12.90 -19.17 8.72
CA LEU C 201 -12.67 -18.69 7.37
C LEU C 201 -12.64 -19.83 6.35
N LEU C 202 -13.61 -19.86 5.43
CA LEU C 202 -13.73 -20.90 4.41
C LEU C 202 -13.20 -20.43 3.07
N THR C 203 -12.59 -21.35 2.32
CA THR C 203 -12.13 -21.11 0.94
C THR C 203 -12.19 -22.45 0.21
N SER C 204 -12.74 -22.48 -1.00
CA SER C 204 -12.88 -23.71 -1.77
C SER C 204 -12.13 -23.61 -3.11
N PHE C 205 -11.62 -24.74 -3.64
CA PHE C 205 -10.86 -24.80 -4.91
C PHE C 205 -11.10 -26.16 -5.63
N PRO C 206 -10.85 -26.30 -6.97
CA PRO C 206 -10.98 -27.63 -7.60
C PRO C 206 -9.84 -28.57 -7.18
N HIS C 207 -9.97 -29.88 -7.45
CA HIS C 207 -8.94 -30.84 -7.06
C HIS C 207 -7.64 -30.73 -7.86
N MET C 208 -7.64 -30.02 -9.03
CA MET C 208 -6.44 -29.86 -9.86
C MET C 208 -6.12 -28.39 -10.19
N GLU C 209 -6.23 -27.47 -9.20
CA GLU C 209 -5.89 -26.07 -9.43
C GLU C 209 -5.77 -25.27 -8.13
N ASN C 210 -4.82 -24.33 -8.10
CA ASN C 210 -4.60 -23.47 -6.94
C ASN C 210 -5.66 -22.35 -6.84
N HIS C 211 -6.34 -22.00 -7.95
CA HIS C 211 -7.36 -20.94 -7.96
C HIS C 211 -8.61 -21.32 -7.17
N SER C 212 -9.23 -20.33 -6.48
CA SER C 212 -10.42 -20.55 -5.65
C SER C 212 -11.74 -20.41 -6.42
N CYS C 213 -12.84 -20.89 -5.79
CA CYS C 213 -14.18 -20.82 -6.35
C CYS C 213 -15.17 -20.11 -5.39
N PHE C 214 -14.93 -20.14 -4.05
CA PHE C 214 -15.84 -19.50 -3.09
C PHE C 214 -15.14 -19.12 -1.78
N GLU C 215 -15.65 -18.06 -1.10
CA GLU C 215 -15.11 -17.55 0.16
C GLU C 215 -16.28 -17.19 1.11
N HIS C 216 -16.08 -17.40 2.43
CA HIS C 216 -17.10 -17.06 3.44
C HIS C 216 -16.51 -17.05 4.85
N MET C 217 -16.95 -16.07 5.67
CA MET C 217 -16.53 -15.94 7.06
C MET C 217 -17.74 -16.16 7.97
N HIS C 218 -17.49 -16.61 9.21
CA HIS C 218 -18.54 -16.81 10.19
C HIS C 218 -18.02 -16.40 11.58
N HIS C 219 -18.60 -15.34 12.13
CA HIS C 219 -18.18 -14.79 13.42
C HIS C 219 -18.66 -15.63 14.61
N ILE C 220 -17.92 -15.58 15.74
CA ILE C 220 -18.26 -16.26 16.99
C ILE C 220 -17.98 -15.28 18.15
N PRO C 221 -18.99 -14.60 18.74
CA PRO C 221 -18.69 -13.65 19.82
C PRO C 221 -18.05 -14.27 21.06
N ALA C 222 -17.45 -13.40 21.89
CA ALA C 222 -16.74 -13.76 23.11
C ALA C 222 -17.48 -14.77 24.00
N PRO C 223 -16.92 -15.97 24.25
CA PRO C 223 -17.61 -16.93 25.12
C PRO C 223 -17.57 -16.51 26.59
N ARG C 224 -18.56 -16.96 27.38
CA ARG C 224 -18.68 -16.65 28.81
C ARG C 224 -17.64 -17.38 29.69
N PRO C 225 -17.43 -17.00 30.99
CA PRO C 225 -16.43 -17.69 31.82
C PRO C 225 -16.61 -19.21 31.92
N GLU C 226 -17.85 -19.68 32.03
CA GLU C 226 -18.15 -21.12 32.07
C GLU C 226 -17.88 -21.77 30.69
N GLU C 227 -18.07 -21.03 29.59
CA GLU C 227 -17.85 -21.51 28.23
C GLU C 227 -16.36 -21.60 27.81
N PHE C 228 -15.42 -21.52 28.76
CA PHE C 228 -13.99 -21.70 28.49
C PHE C 228 -13.72 -23.20 28.32
N HIS C 229 -12.88 -23.58 27.34
CA HIS C 229 -12.58 -24.98 27.02
C HIS C 229 -13.77 -25.74 26.37
N GLN C 230 -14.93 -25.08 26.18
CA GLN C 230 -16.11 -25.70 25.59
C GLN C 230 -15.94 -25.88 24.08
N ARG C 231 -16.59 -26.91 23.53
CA ARG C 231 -16.55 -27.19 22.11
C ARG C 231 -17.58 -26.30 21.39
N SER C 232 -17.14 -25.54 20.37
CA SER C 232 -18.01 -24.62 19.62
C SER C 232 -18.29 -25.11 18.19
N ASP C 233 -19.39 -25.84 18.01
CA ASP C 233 -19.81 -26.33 16.70
C ASP C 233 -20.59 -25.22 15.99
N VAL C 234 -20.13 -24.80 14.79
CA VAL C 234 -20.84 -23.78 14.00
C VAL C 234 -20.92 -24.30 12.56
N THR C 235 -21.98 -25.07 12.26
CA THR C 235 -22.19 -25.67 10.94
C THR C 235 -22.57 -24.62 9.90
N LEU C 236 -22.02 -24.77 8.68
CA LEU C 236 -22.26 -23.82 7.61
C LEU C 236 -22.57 -24.53 6.31
N THR C 237 -23.44 -23.93 5.51
CA THR C 237 -23.82 -24.51 4.22
C THR C 237 -22.74 -24.28 3.18
N LEU C 238 -22.50 -25.27 2.33
CA LEU C 238 -21.54 -25.19 1.25
C LEU C 238 -22.31 -25.06 -0.05
N ARG C 239 -22.02 -24.05 -0.86
CA ARG C 239 -22.66 -23.90 -2.17
C ARG C 239 -21.81 -24.77 -3.11
N ASN C 240 -21.81 -26.08 -2.86
CA ASN C 240 -21.01 -27.04 -3.62
C ASN C 240 -21.52 -27.24 -5.05
N LEU C 241 -21.09 -26.36 -5.96
CA LEU C 241 -21.43 -26.47 -7.38
C LEU C 241 -20.52 -27.55 -7.95
N LYS C 242 -21.06 -28.43 -8.79
CA LYS C 242 -20.31 -29.54 -9.39
C LYS C 242 -19.06 -29.03 -10.12
N GLY C 243 -17.89 -29.35 -9.57
CA GLY C 243 -16.59 -28.92 -10.09
C GLY C 243 -15.68 -28.57 -8.93
N CYS C 244 -16.21 -27.82 -7.95
CA CYS C 244 -15.47 -27.45 -6.75
C CYS C 244 -15.73 -28.51 -5.67
N CYS C 245 -14.71 -28.80 -4.83
CA CYS C 245 -14.85 -29.82 -3.78
C CYS C 245 -13.77 -29.75 -2.66
N ARG C 246 -12.51 -29.44 -3.00
CA ARG C 246 -11.42 -29.36 -2.02
C ARG C 246 -11.60 -28.16 -1.10
N HIS C 247 -12.38 -28.32 -0.03
CA HIS C 247 -12.63 -27.23 0.92
C HIS C 247 -11.44 -27.06 1.86
N GLN C 248 -11.22 -25.83 2.33
CA GLN C 248 -10.11 -25.52 3.22
C GLN C 248 -10.56 -24.45 4.20
N VAL C 249 -10.31 -24.68 5.50
CA VAL C 249 -10.74 -23.77 6.56
C VAL C 249 -9.61 -23.49 7.54
N GLN C 250 -9.62 -22.29 8.14
CA GLN C 250 -8.66 -21.88 9.17
C GLN C 250 -9.37 -21.01 10.21
N ILE C 251 -9.40 -21.48 11.46
CA ILE C 251 -10.02 -20.75 12.55
C ILE C 251 -9.03 -19.67 12.96
N GLN C 252 -9.31 -18.40 12.66
CA GLN C 252 -8.40 -17.30 12.98
C GLN C 252 -8.71 -16.76 14.39
N PRO C 253 -7.87 -17.03 15.43
CA PRO C 253 -8.17 -16.51 16.77
C PRO C 253 -7.78 -15.04 16.92
N PHE C 254 -8.39 -14.35 17.90
CA PHE C 254 -8.08 -12.95 18.17
C PHE C 254 -7.88 -12.69 19.66
N PHE C 255 -6.85 -13.31 20.25
CA PHE C 255 -6.53 -13.12 21.66
C PHE C 255 -5.90 -11.74 21.89
N SER C 256 -5.97 -11.24 23.13
CA SER C 256 -5.39 -9.95 23.48
C SER C 256 -3.87 -9.93 23.24
N SER C 257 -3.21 -11.05 23.52
CA SER C 257 -1.76 -11.16 23.37
C SER C 257 -1.24 -11.08 21.92
N CYS C 258 -2.11 -10.87 20.90
CA CYS C 258 -1.63 -10.77 19.51
C CYS C 258 -2.64 -10.08 18.56
N LEU C 259 -3.92 -10.51 18.59
CA LEU C 259 -5.00 -9.94 17.78
C LEU C 259 -5.01 -10.58 16.34
N ASN C 260 -4.89 -9.83 15.20
CA ASN C 260 -4.90 -10.46 13.87
C ASN C 260 -3.61 -11.24 13.59
N ASP C 261 -2.48 -10.81 14.19
CA ASP C 261 -1.15 -11.44 14.06
C ASP C 261 -1.14 -12.94 14.50
N CYS C 262 -2.04 -13.33 15.42
CA CYS C 262 -2.14 -14.67 16.05
C CYS C 262 -1.94 -15.89 15.12
N LEU C 263 -1.69 -17.04 15.78
CA LEU C 263 -1.48 -18.36 15.18
C LEU C 263 -2.77 -18.96 14.62
N ARG C 264 -2.89 -19.06 13.30
CA ARG C 264 -4.08 -19.67 12.69
C ARG C 264 -3.89 -21.19 12.63
N HIS C 265 -4.91 -21.96 13.08
CA HIS C 265 -4.88 -23.42 13.08
C HIS C 265 -5.71 -23.96 11.90
N SER C 266 -5.03 -24.37 10.82
CA SER C 266 -5.66 -24.83 9.59
C SER C 266 -5.97 -26.32 9.55
N ALA C 267 -6.90 -26.70 8.66
CA ALA C 267 -7.31 -28.07 8.41
C ALA C 267 -7.77 -28.19 6.96
N THR C 268 -7.34 -29.23 6.24
CA THR C 268 -7.70 -29.40 4.83
C THR C 268 -8.01 -30.87 4.50
N VAL C 269 -9.03 -31.11 3.66
CA VAL C 269 -9.44 -32.44 3.21
C VAL C 269 -9.66 -32.35 1.70
N SER C 270 -8.89 -33.11 0.91
CA SER C 270 -8.97 -33.09 -0.54
C SER C 270 -10.27 -33.71 -1.09
N CYS C 271 -10.51 -33.57 -2.41
CA CYS C 271 -11.70 -34.10 -3.06
C CYS C 271 -11.70 -35.63 -3.03
N PRO C 272 -12.68 -36.29 -2.37
CA PRO C 272 -12.69 -37.75 -2.39
C PRO C 272 -13.28 -38.34 -3.67
N GLU C 273 -12.43 -38.92 -4.53
CA GLU C 273 -12.87 -39.58 -5.76
C GLU C 273 -13.31 -41.02 -5.39
N MET C 274 -14.33 -41.55 -6.07
CA MET C 274 -14.88 -42.89 -5.79
C MET C 274 -15.84 -42.79 -4.61
N LEU D 1 5.55 38.57 -8.30
CA LEU D 1 4.88 39.11 -9.48
C LEU D 1 4.67 38.04 -10.56
N GLU D 2 5.71 37.22 -10.83
CA GLU D 2 5.65 36.18 -11.86
C GLU D 2 5.21 34.80 -11.35
N ARG D 3 4.71 33.96 -12.28
CA ARG D 3 4.32 32.57 -12.01
C ARG D 3 5.45 31.58 -12.44
N LEU D 4 6.71 32.05 -12.54
CA LEU D 4 7.87 31.24 -12.95
C LEU D 4 9.11 31.72 -12.17
N VAL D 5 9.06 31.57 -10.82
CA VAL D 5 10.14 31.99 -9.91
C VAL D 5 11.38 31.07 -10.07
N GLY D 6 12.54 31.58 -9.68
CA GLY D 6 13.81 30.86 -9.80
C GLY D 6 14.03 29.73 -8.81
N PRO D 7 15.17 29.04 -8.91
CA PRO D 7 15.44 27.92 -7.99
C PRO D 7 15.90 28.31 -6.59
N GLN D 8 16.29 29.58 -6.37
CA GLN D 8 16.83 30.02 -5.08
C GLN D 8 15.73 30.43 -4.09
N ASP D 9 16.01 30.31 -2.78
CA ASP D 9 15.09 30.69 -1.71
C ASP D 9 15.48 32.07 -1.17
N ALA D 10 14.69 33.12 -1.46
CA ALA D 10 14.97 34.49 -1.01
C ALA D 10 13.68 35.30 -0.77
N THR D 11 13.76 36.31 0.11
CA THR D 11 12.61 37.16 0.46
C THR D 11 12.61 38.47 -0.33
N HIS D 12 11.41 39.01 -0.61
CA HIS D 12 11.24 40.26 -1.32
C HIS D 12 9.98 40.97 -0.80
N CYS D 13 10.16 41.89 0.16
CA CYS D 13 9.06 42.64 0.79
C CYS D 13 8.56 43.80 -0.12
N SER D 14 7.56 44.58 0.36
CA SER D 14 7.06 45.74 -0.39
C SER D 14 8.13 46.85 -0.43
N PRO D 15 8.06 47.83 -1.38
CA PRO D 15 9.11 48.86 -1.44
C PRO D 15 9.29 49.71 -0.18
N GLY D 16 10.45 50.37 -0.10
CA GLY D 16 10.80 51.25 1.01
C GLY D 16 11.47 50.51 2.15
N LEU D 17 10.72 49.63 2.83
CA LEU D 17 11.26 48.87 3.94
C LEU D 17 12.25 47.80 3.48
N SER D 18 13.30 47.58 4.29
CA SER D 18 14.33 46.57 4.02
C SER D 18 14.07 45.30 4.87
N CYS D 19 14.55 44.14 4.41
CA CYS D 19 14.29 42.87 5.11
C CYS D 19 15.27 41.75 4.67
N ARG D 20 15.36 40.67 5.49
CA ARG D 20 16.24 39.52 5.23
C ARG D 20 15.58 38.17 5.63
N LEU D 21 16.17 37.05 5.15
CA LEU D 21 15.68 35.69 5.38
C LEU D 21 16.82 34.72 5.78
N TRP D 22 16.57 33.83 6.77
CA TRP D 22 17.48 32.77 7.24
C TRP D 22 16.70 31.45 7.12
N ASP D 23 16.59 30.90 5.89
CA ASP D 23 15.82 29.69 5.59
C ASP D 23 16.56 28.42 6.06
N SER D 24 16.73 28.28 7.37
CA SER D 24 17.45 27.18 8.02
C SER D 24 16.53 26.25 8.81
N ASP D 25 15.20 26.27 8.57
CA ASP D 25 14.24 25.39 9.27
C ASP D 25 14.38 25.49 10.79
N ILE D 26 14.46 26.71 11.30
CA ILE D 26 14.64 26.94 12.74
C ILE D 26 13.62 26.23 13.62
N LEU D 27 13.96 25.98 14.88
CA LEU D 27 13.04 25.33 15.81
C LEU D 27 11.98 26.36 16.15
N CYS D 28 10.69 26.09 15.82
CA CYS D 28 9.61 27.02 16.09
C CYS D 28 8.46 26.41 16.90
N LEU D 29 8.06 27.10 17.99
CA LEU D 29 6.98 26.71 18.89
C LEU D 29 6.27 27.97 19.44
N PRO D 30 4.99 27.88 19.87
CA PRO D 30 4.27 29.09 20.33
C PRO D 30 4.86 29.80 21.55
N GLY D 31 5.08 29.09 22.65
CA GLY D 31 5.66 29.65 23.87
C GLY D 31 4.64 30.24 24.81
N ASP D 32 4.48 31.57 24.77
CA ASP D 32 3.54 32.27 25.64
C ASP D 32 3.19 33.67 25.10
N ILE D 33 2.03 34.20 25.50
CA ILE D 33 1.57 35.54 25.10
C ILE D 33 2.34 36.55 25.95
N VAL D 34 3.50 37.03 25.45
CA VAL D 34 4.36 37.93 26.22
C VAL D 34 3.82 39.37 26.25
N PRO D 35 4.31 40.24 27.16
CA PRO D 35 3.85 41.64 27.16
C PRO D 35 4.57 42.49 26.11
N ALA D 36 3.94 43.61 25.68
CA ALA D 36 4.49 44.52 24.65
C ALA D 36 4.80 45.90 25.26
N PRO D 37 5.95 46.09 25.93
CA PRO D 37 6.27 47.41 26.52
C PRO D 37 6.87 48.36 25.48
N GLY D 38 6.07 48.68 24.47
CA GLY D 38 6.48 49.56 23.38
C GLY D 38 5.80 49.18 22.07
N PRO D 39 6.19 49.85 20.97
CA PRO D 39 5.60 49.52 19.67
C PRO D 39 6.13 48.18 19.15
N VAL D 40 5.23 47.22 18.92
CA VAL D 40 5.59 45.88 18.43
C VAL D 40 4.73 45.54 17.22
N LEU D 41 5.28 44.73 16.30
CA LEU D 41 4.54 44.32 15.11
C LEU D 41 3.67 43.08 15.37
N ALA D 42 2.62 42.90 14.55
CA ALA D 42 1.69 41.77 14.67
C ALA D 42 1.03 41.48 13.31
N PRO D 43 0.64 40.24 13.01
CA PRO D 43 0.05 39.93 11.70
C PRO D 43 -1.44 40.21 11.63
N THR D 44 -1.94 40.52 10.43
CA THR D 44 -3.36 40.80 10.22
C THR D 44 -4.05 39.64 9.47
N HIS D 45 -3.48 39.20 8.33
CA HIS D 45 -4.04 38.11 7.53
C HIS D 45 -2.96 37.39 6.69
N LEU D 46 -3.29 36.20 6.16
CA LEU D 46 -2.37 35.42 5.34
C LEU D 46 -2.90 35.24 3.91
N GLN D 47 -1.99 35.17 2.92
CA GLN D 47 -2.31 35.05 1.50
C GLN D 47 -1.62 33.82 0.88
N THR D 48 -2.18 33.28 -0.22
CA THR D 48 -1.62 32.11 -0.91
C THR D 48 -1.74 32.27 -2.44
N GLU D 49 -0.67 32.78 -3.09
CA GLU D 49 -0.64 33.01 -4.55
C GLU D 49 -0.15 31.76 -5.31
N LEU D 50 -0.51 31.68 -6.60
CA LEU D 50 -0.14 30.58 -7.50
C LEU D 50 1.19 30.88 -8.19
N VAL D 51 2.29 30.22 -7.75
CA VAL D 51 3.64 30.41 -8.31
C VAL D 51 4.28 29.04 -8.62
N LEU D 52 5.10 28.97 -9.68
CA LEU D 52 5.77 27.75 -10.12
C LEU D 52 7.30 27.96 -10.16
N ARG D 53 8.08 26.93 -9.79
CA ARG D 53 9.55 26.96 -9.79
C ARG D 53 10.09 26.06 -10.89
N CYS D 54 11.20 26.47 -11.54
CA CYS D 54 11.83 25.67 -12.61
C CYS D 54 13.35 25.77 -12.46
N GLN D 55 14.00 24.67 -12.08
CA GLN D 55 15.44 24.61 -11.88
C GLN D 55 16.17 24.60 -13.23
N LYS D 56 15.68 23.79 -14.16
CA LYS D 56 16.21 23.70 -15.53
C LYS D 56 15.01 23.78 -16.53
N GLU D 57 15.26 23.69 -17.86
CA GLU D 57 14.19 23.74 -18.85
C GLU D 57 13.19 22.58 -18.64
N THR D 58 13.68 21.32 -18.56
CA THR D 58 12.84 20.12 -18.39
C THR D 58 12.80 19.65 -16.92
N ASP D 59 12.34 20.51 -16.00
CA ASP D 59 12.22 20.20 -14.56
C ASP D 59 11.47 21.32 -13.84
N CYS D 60 10.17 21.13 -13.53
CA CYS D 60 9.38 22.15 -12.86
C CYS D 60 8.51 21.59 -11.73
N ASP D 61 8.34 22.37 -10.65
CA ASP D 61 7.60 22.01 -9.44
C ASP D 61 6.78 23.20 -8.90
N LEU D 62 5.94 22.97 -7.88
CA LEU D 62 5.07 23.99 -7.28
C LEU D 62 5.78 24.91 -6.25
N CYS D 63 5.19 26.10 -5.99
CA CYS D 63 5.68 27.09 -5.02
C CYS D 63 4.48 27.87 -4.46
N LEU D 64 3.89 27.41 -3.35
CA LEU D 64 2.77 28.12 -2.76
C LEU D 64 3.33 29.37 -2.04
N ARG D 65 3.35 30.49 -2.75
CA ARG D 65 3.88 31.76 -2.23
C ARG D 65 2.93 32.34 -1.17
N VAL D 66 3.47 32.69 0.02
CA VAL D 66 2.71 33.23 1.17
C VAL D 66 3.15 34.70 1.47
N ALA D 67 2.23 35.51 2.05
CA ALA D 67 2.50 36.92 2.39
C ALA D 67 1.82 37.30 3.73
N VAL D 68 2.54 38.06 4.60
CA VAL D 68 2.06 38.47 5.93
C VAL D 68 2.11 40.00 6.09
N HIS D 69 0.95 40.65 6.36
CA HIS D 69 0.91 42.09 6.58
C HIS D 69 1.08 42.36 8.07
N LEU D 70 1.90 43.34 8.43
CA LEU D 70 2.20 43.69 9.81
C LEU D 70 1.68 45.08 10.20
N ALA D 71 1.62 45.39 11.51
CA ALA D 71 1.11 46.68 11.99
C ALA D 71 1.65 46.99 13.40
N VAL D 72 1.83 48.28 13.70
CA VAL D 72 2.33 48.72 15.01
C VAL D 72 1.21 48.71 16.06
N HIS D 73 1.48 48.15 17.25
CA HIS D 73 0.51 48.07 18.35
C HIS D 73 1.30 47.99 19.72
N GLY D 74 0.62 47.63 20.83
CA GLY D 74 1.27 47.48 22.13
C GLY D 74 1.27 48.76 22.94
N HIS D 75 2.10 48.79 24.01
CA HIS D 75 2.20 49.96 24.90
C HIS D 75 2.96 51.08 24.20
N ASN D 98 16.89 55.40 18.51
CA ASN D 98 16.64 55.03 17.13
C ASN D 98 15.16 55.23 16.75
N ALA D 99 14.90 55.38 15.45
CA ALA D 99 13.56 55.55 14.88
C ALA D 99 13.13 54.33 14.03
N SER D 100 14.08 53.43 13.67
CA SER D 100 13.81 52.21 12.88
C SER D 100 13.21 51.12 13.78
N LEU D 101 11.95 50.74 13.54
CA LEU D 101 11.29 49.69 14.32
C LEU D 101 11.65 48.30 13.77
N GLN D 102 12.26 47.44 14.61
CA GLN D 102 12.69 46.09 14.21
C GLN D 102 11.77 45.01 14.77
N ALA D 103 11.68 43.87 14.08
CA ALA D 103 10.84 42.75 14.51
C ALA D 103 11.28 41.44 13.84
N GLN D 104 10.97 40.31 14.49
CA GLN D 104 11.28 38.96 14.00
C GLN D 104 9.98 38.20 13.77
N VAL D 105 9.75 37.68 12.55
CA VAL D 105 8.54 36.93 12.18
C VAL D 105 8.89 35.46 11.87
N VAL D 106 7.92 34.55 12.08
CA VAL D 106 8.05 33.12 11.83
C VAL D 106 6.84 32.62 11.02
N LEU D 107 7.02 31.52 10.28
CA LEU D 107 5.97 30.87 9.48
C LEU D 107 6.14 29.35 9.67
N SER D 108 5.51 28.79 10.73
CA SER D 108 5.60 27.36 11.03
C SER D 108 4.71 26.52 10.11
N PHE D 109 5.27 26.02 8.97
CA PHE D 109 4.52 25.19 8.02
C PHE D 109 4.43 23.73 8.49
N GLN D 110 3.70 23.47 9.59
CA GLN D 110 3.52 22.09 10.08
C GLN D 110 2.40 21.47 9.26
N ALA D 111 2.76 21.03 8.05
CA ALA D 111 1.87 20.46 7.04
C ALA D 111 2.44 19.14 6.49
N TYR D 112 1.56 18.30 5.93
CA TYR D 112 1.94 17.01 5.34
C TYR D 112 2.41 17.21 3.88
N PRO D 113 3.43 16.47 3.37
CA PRO D 113 4.19 15.39 4.02
C PRO D 113 5.40 15.85 4.85
N THR D 114 6.28 16.70 4.28
CA THR D 114 7.48 17.18 4.99
C THR D 114 7.14 18.27 6.03
N ALA D 115 8.04 18.46 7.03
CA ALA D 115 7.86 19.46 8.09
C ALA D 115 9.05 20.43 8.09
N ARG D 116 8.83 21.70 7.72
CA ARG D 116 9.89 22.71 7.66
C ARG D 116 9.38 24.08 8.13
N CYS D 117 10.26 24.86 8.79
CA CYS D 117 9.98 26.20 9.33
C CYS D 117 10.79 27.26 8.55
N VAL D 118 10.47 28.55 8.75
CA VAL D 118 11.11 29.67 8.05
C VAL D 118 11.43 30.79 9.06
N LEU D 119 12.53 31.56 8.82
CA LEU D 119 12.95 32.65 9.71
C LEU D 119 13.12 33.99 8.96
N LEU D 120 12.08 34.83 8.99
CA LEU D 120 12.12 36.15 8.36
C LEU D 120 12.77 37.17 9.32
N GLU D 121 13.03 38.38 8.81
CA GLU D 121 13.68 39.42 9.60
C GLU D 121 13.25 40.79 9.10
N VAL D 122 12.02 41.19 9.44
CA VAL D 122 11.48 42.47 8.99
C VAL D 122 12.07 43.62 9.81
N GLN D 123 12.39 44.75 9.13
CA GLN D 123 12.96 45.95 9.72
C GLN D 123 12.31 47.16 9.05
N VAL D 124 11.07 47.49 9.42
CA VAL D 124 10.35 48.63 8.83
C VAL D 124 10.96 49.96 9.29
N PRO D 125 11.51 50.81 8.39
CA PRO D 125 12.12 52.07 8.85
C PRO D 125 11.14 53.12 9.39
N ALA D 126 11.67 54.22 9.93
CA ALA D 126 10.90 55.31 10.54
C ALA D 126 9.76 55.89 9.70
N ALA D 127 9.95 56.05 8.37
CA ALA D 127 8.95 56.65 7.47
C ALA D 127 7.58 55.96 7.51
N LEU D 128 7.56 54.61 7.46
CA LEU D 128 6.31 53.85 7.49
C LEU D 128 5.79 53.59 8.93
N VAL D 129 6.46 54.12 9.98
CA VAL D 129 6.01 53.91 11.36
C VAL D 129 4.75 54.72 11.63
N GLN D 130 3.61 54.03 11.80
CA GLN D 130 2.32 54.63 12.14
C GLN D 130 1.64 53.74 13.18
N PHE D 131 1.35 54.29 14.38
CA PHE D 131 0.73 53.55 15.48
C PHE D 131 -0.74 53.25 15.13
N GLY D 132 -1.15 52.00 15.28
CA GLY D 132 -2.51 51.58 14.95
C GLY D 132 -2.78 51.46 13.46
N GLN D 133 -1.71 51.32 12.63
CA GLN D 133 -1.80 51.21 11.17
C GLN D 133 -0.73 50.24 10.62
N SER D 134 -0.96 49.75 9.39
CA SER D 134 -0.08 48.82 8.70
C SER D 134 1.32 49.38 8.44
N VAL D 135 2.31 48.48 8.25
CA VAL D 135 3.71 48.82 7.98
C VAL D 135 4.28 48.00 6.80
N GLY D 136 3.48 47.78 5.75
CA GLY D 136 3.89 47.04 4.56
C GLY D 136 3.58 45.56 4.61
N SER D 137 4.43 44.73 4.00
CA SER D 137 4.23 43.28 3.96
C SER D 137 5.53 42.55 3.63
N VAL D 138 5.62 41.24 3.99
CA VAL D 138 6.79 40.38 3.75
C VAL D 138 6.36 39.15 2.93
N VAL D 139 7.20 38.69 1.98
CA VAL D 139 6.88 37.56 1.11
C VAL D 139 8.02 36.54 1.06
N TYR D 140 7.70 35.25 1.34
CA TYR D 140 8.66 34.14 1.31
C TYR D 140 8.45 33.32 0.04
N ASP D 141 9.53 32.92 -0.64
CA ASP D 141 9.52 32.08 -1.84
C ASP D 141 10.46 30.89 -1.55
N CYS D 142 9.96 29.65 -1.28
CA CYS D 142 8.55 29.24 -1.36
C CYS D 142 8.26 27.99 -0.53
N PHE D 143 6.96 27.74 -0.32
CA PHE D 143 6.47 26.58 0.41
C PHE D 143 6.02 25.56 -0.65
N GLU D 144 6.94 24.67 -1.07
CA GLU D 144 6.65 23.66 -2.08
C GLU D 144 5.73 22.59 -1.45
N ALA D 145 4.42 22.65 -1.76
CA ALA D 145 3.44 21.71 -1.23
C ALA D 145 2.96 20.75 -2.32
N ALA D 146 2.66 19.52 -1.95
CA ALA D 146 2.22 18.51 -2.91
C ALA D 146 0.76 18.71 -3.31
N LEU D 147 0.40 18.24 -4.50
CA LEU D 147 -0.96 18.33 -5.01
C LEU D 147 -1.87 17.43 -4.16
N GLY D 148 -3.02 17.94 -3.74
CA GLY D 148 -3.98 17.16 -2.96
C GLY D 148 -3.58 16.92 -1.53
N SER D 149 -3.26 18.00 -0.81
CA SER D 149 -2.87 17.95 0.59
C SER D 149 -3.32 19.25 1.25
N GLU D 150 -4.35 19.21 2.11
CA GLU D 150 -4.84 20.42 2.78
C GLU D 150 -3.78 20.91 3.78
N VAL D 151 -2.93 21.86 3.34
CA VAL D 151 -1.83 22.39 4.14
C VAL D 151 -2.29 23.27 5.32
N ARG D 152 -1.40 23.43 6.31
CA ARG D 152 -1.63 24.21 7.53
C ARG D 152 -0.58 25.34 7.63
N ILE D 153 -1.01 26.62 7.50
CA ILE D 153 -0.11 27.79 7.60
C ILE D 153 -0.34 28.46 8.96
N TRP D 154 0.59 28.26 9.91
CA TRP D 154 0.53 28.83 11.26
C TRP D 154 1.57 29.95 11.44
N SER D 155 1.14 31.23 11.26
CA SER D 155 2.01 32.40 11.38
C SER D 155 1.86 33.10 12.74
N TYR D 156 2.98 33.38 13.42
CA TYR D 156 2.98 34.05 14.72
C TYR D 156 4.31 34.82 14.94
N THR D 157 4.28 35.89 15.75
CA THR D 157 5.45 36.74 16.01
C THR D 157 6.56 36.05 16.82
N GLN D 158 7.78 36.61 16.81
CA GLN D 158 8.90 36.04 17.56
C GLN D 158 9.52 37.10 18.50
N PRO D 159 9.25 37.09 19.83
CA PRO D 159 8.39 36.18 20.60
C PRO D 159 6.90 36.36 20.31
N ARG D 160 6.08 35.36 20.70
CA ARG D 160 4.65 35.40 20.38
C ARG D 160 3.82 36.44 21.14
N TYR D 161 2.85 37.07 20.42
CA TYR D 161 1.91 38.06 20.95
C TYR D 161 0.49 37.58 20.65
N GLU D 162 0.17 37.40 19.36
CA GLU D 162 -1.13 36.92 18.91
C GLU D 162 -1.04 35.43 18.62
N LYS D 163 -2.17 34.72 18.75
CA LYS D 163 -2.20 33.30 18.43
C LYS D 163 -1.98 33.10 16.92
N GLU D 164 -1.42 31.95 16.55
CA GLU D 164 -1.16 31.63 15.15
C GLU D 164 -2.43 31.76 14.26
N LEU D 165 -2.36 32.57 13.19
CA LEU D 165 -3.50 32.82 12.29
C LEU D 165 -3.82 31.59 11.42
N ASN D 166 -5.06 31.12 11.44
CA ASN D 166 -5.44 29.94 10.66
C ASN D 166 -5.74 30.31 9.20
N HIS D 167 -5.04 29.67 8.27
CA HIS D 167 -5.23 29.84 6.83
C HIS D 167 -5.01 28.46 6.19
N THR D 168 -5.86 27.50 6.60
CA THR D 168 -5.80 26.11 6.14
C THR D 168 -6.24 26.04 4.67
N GLN D 169 -5.28 26.23 3.74
CA GLN D 169 -5.56 26.25 2.32
C GLN D 169 -5.79 24.87 1.74
N GLN D 170 -6.90 24.72 0.99
CA GLN D 170 -7.23 23.48 0.30
C GLN D 170 -6.60 23.55 -1.08
N LEU D 171 -5.72 22.60 -1.41
CA LEU D 171 -5.02 22.58 -2.71
C LEU D 171 -5.71 21.66 -3.71
N PRO D 172 -5.67 21.98 -5.03
CA PRO D 172 -6.28 21.07 -6.01
C PRO D 172 -5.36 19.91 -6.33
N ASP D 173 -5.92 18.74 -6.63
CA ASP D 173 -5.09 17.59 -7.04
C ASP D 173 -4.55 17.90 -8.49
N CYS D 174 -4.31 16.90 -9.36
CA CYS D 174 -3.92 17.16 -10.75
C CYS D 174 -5.30 17.36 -11.45
N ARG D 175 -6.02 18.40 -11.01
CA ARG D 175 -7.37 18.75 -11.47
C ARG D 175 -7.57 20.26 -11.73
N GLY D 176 -6.63 21.11 -11.32
CA GLY D 176 -6.73 22.54 -11.60
C GLY D 176 -6.49 22.79 -13.07
N LEU D 177 -7.17 23.78 -13.67
CA LEU D 177 -7.00 24.06 -15.11
C LEU D 177 -5.57 24.49 -15.45
N GLU D 178 -5.00 25.42 -14.68
CA GLU D 178 -3.61 25.87 -14.88
C GLU D 178 -2.61 24.78 -14.43
N VAL D 179 -3.02 23.88 -13.49
CA VAL D 179 -2.20 22.78 -13.00
C VAL D 179 -1.78 21.86 -14.15
N TRP D 180 -2.69 21.59 -15.12
CA TRP D 180 -2.37 20.73 -16.26
C TRP D 180 -1.42 21.40 -17.25
N ASN D 181 -1.53 22.73 -17.39
CA ASN D 181 -0.70 23.52 -18.32
C ASN D 181 0.79 23.52 -17.96
N SER D 182 1.15 23.24 -16.70
CA SER D 182 2.55 23.30 -16.26
C SER D 182 3.12 21.97 -15.73
N ILE D 183 2.35 21.22 -14.92
CA ILE D 183 2.83 19.98 -14.31
C ILE D 183 3.01 18.82 -15.34
N PRO D 184 4.21 18.18 -15.44
CA PRO D 184 4.37 17.07 -16.40
C PRO D 184 3.67 15.77 -15.98
N SER D 185 3.39 15.59 -14.67
CA SER D 185 2.68 14.41 -14.16
C SER D 185 1.30 14.26 -14.83
N CYS D 186 0.69 15.39 -15.21
CA CYS D 186 -0.61 15.46 -15.83
C CYS D 186 -0.58 15.20 -17.35
N TRP D 187 -0.71 13.91 -17.77
CA TRP D 187 -0.79 13.43 -19.16
C TRP D 187 0.55 13.21 -19.85
N ALA D 188 1.50 14.14 -19.72
CA ALA D 188 2.80 14.03 -20.38
C ALA D 188 3.57 12.82 -19.87
N LEU D 189 3.51 11.71 -20.62
CA LEU D 189 4.18 10.45 -20.33
C LEU D 189 4.92 10.01 -21.62
N PRO D 190 6.10 9.35 -21.57
CA PRO D 190 6.80 8.96 -22.83
C PRO D 190 5.89 8.57 -24.00
N TRP D 191 6.11 9.18 -25.16
CA TRP D 191 5.24 9.01 -26.29
C TRP D 191 5.31 7.65 -26.96
N LEU D 192 4.13 7.05 -27.18
CA LEU D 192 3.93 5.81 -27.89
C LEU D 192 3.07 6.23 -29.06
N ASN D 193 3.68 6.34 -30.25
CA ASN D 193 2.95 6.79 -31.42
C ASN D 193 2.17 5.62 -32.03
N VAL D 194 0.93 5.89 -32.46
CA VAL D 194 0.10 4.86 -33.09
C VAL D 194 0.66 4.57 -34.49
N SER D 195 0.79 3.29 -34.87
CA SER D 195 1.33 2.93 -36.17
C SER D 195 0.76 1.62 -36.69
N ALA D 196 -0.38 1.70 -37.39
CA ALA D 196 -1.02 0.53 -37.99
C ALA D 196 -0.65 0.55 -39.49
N ASP D 197 0.65 0.57 -39.77
CA ASP D 197 1.19 0.66 -41.12
C ASP D 197 1.58 -0.72 -41.66
N GLY D 198 0.98 -1.11 -42.79
CA GLY D 198 1.23 -2.40 -43.42
C GLY D 198 0.66 -3.55 -42.63
N ASP D 199 1.22 -4.75 -42.81
CA ASP D 199 0.78 -5.93 -42.05
C ASP D 199 1.51 -6.03 -40.68
N ASN D 200 2.11 -4.93 -40.21
CA ASN D 200 2.87 -4.89 -38.96
C ASN D 200 2.38 -3.67 -38.16
N VAL D 201 1.94 -3.87 -36.91
CA VAL D 201 1.48 -2.77 -36.05
C VAL D 201 2.64 -2.43 -35.12
N HIS D 202 3.27 -1.27 -35.33
CA HIS D 202 4.46 -0.84 -34.58
C HIS D 202 4.14 0.05 -33.38
N LEU D 203 4.82 -0.18 -32.25
CA LEU D 203 4.68 0.62 -31.03
C LEU D 203 5.97 1.45 -30.91
N VAL D 204 5.97 2.63 -31.54
CA VAL D 204 7.15 3.50 -31.54
C VAL D 204 7.30 4.18 -30.18
N LEU D 205 8.44 3.98 -29.50
CA LEU D 205 8.70 4.55 -28.19
C LEU D 205 9.75 5.65 -28.24
N ASN D 206 9.57 6.70 -27.42
CA ASN D 206 10.47 7.86 -27.40
C ASN D 206 11.24 8.03 -26.08
N VAL D 207 11.39 6.95 -25.30
CA VAL D 207 12.17 7.00 -24.06
C VAL D 207 13.67 7.10 -24.37
N SER D 208 14.46 7.58 -23.41
CA SER D 208 15.92 7.68 -23.59
C SER D 208 16.56 6.28 -23.57
N GLU D 209 17.78 6.15 -24.14
CA GLU D 209 18.50 4.86 -24.21
C GLU D 209 18.72 4.21 -22.85
N GLU D 210 19.02 5.01 -21.82
CA GLU D 210 19.26 4.52 -20.47
C GLU D 210 18.00 4.49 -19.58
N GLN D 211 16.81 4.84 -20.13
CA GLN D 211 15.57 4.85 -19.35
C GLN D 211 14.89 3.48 -19.41
N HIS D 212 14.71 2.86 -18.24
CA HIS D 212 14.08 1.55 -18.10
C HIS D 212 12.57 1.72 -17.86
N PHE D 213 11.76 0.72 -18.24
CA PHE D 213 10.30 0.83 -18.08
C PHE D 213 9.57 -0.52 -18.09
N GLY D 214 8.36 -0.52 -17.53
CA GLY D 214 7.45 -1.65 -17.49
C GLY D 214 6.40 -1.49 -18.58
N LEU D 215 6.07 -2.59 -19.29
CA LEU D 215 5.11 -2.58 -20.40
C LEU D 215 4.07 -3.69 -20.20
N SER D 216 2.78 -3.35 -20.38
CA SER D 216 1.68 -4.31 -20.22
C SER D 216 0.58 -4.00 -21.24
N LEU D 217 0.11 -5.04 -21.95
CA LEU D 217 -0.98 -4.93 -22.91
C LEU D 217 -2.10 -5.86 -22.46
N TYR D 218 -3.37 -5.39 -22.51
CA TYR D 218 -4.52 -6.15 -22.03
C TYR D 218 -5.83 -5.85 -22.78
N TRP D 219 -6.87 -6.70 -22.59
CA TRP D 219 -8.18 -6.57 -23.22
C TRP D 219 -9.26 -6.18 -22.20
N ASN D 220 -9.59 -4.88 -22.11
CA ASN D 220 -10.59 -4.38 -21.15
C ASN D 220 -12.03 -4.73 -21.59
N GLN D 221 -12.97 -4.78 -20.64
CA GLN D 221 -14.39 -5.02 -20.91
C GLN D 221 -15.27 -4.59 -19.69
N VAL D 222 -16.52 -5.07 -19.54
CA VAL D 222 -17.40 -4.65 -18.46
C VAL D 222 -16.94 -5.17 -17.06
N GLN D 223 -17.02 -6.49 -16.82
CA GLN D 223 -16.64 -7.12 -15.55
C GLN D 223 -15.24 -7.75 -15.68
N GLY D 224 -14.42 -7.62 -14.65
CA GLY D 224 -13.05 -8.13 -14.66
C GLY D 224 -12.23 -7.38 -15.68
N PRO D 225 -11.99 -6.07 -15.42
CA PRO D 225 -11.27 -5.27 -16.42
C PRO D 225 -9.93 -5.85 -16.89
N PRO D 226 -9.05 -6.36 -16.00
CA PRO D 226 -7.76 -6.88 -16.47
C PRO D 226 -7.84 -8.22 -17.20
N LYS D 227 -7.27 -8.28 -18.41
CA LYS D 227 -7.16 -9.49 -19.25
C LYS D 227 -5.83 -9.37 -20.03
N PRO D 228 -4.68 -9.50 -19.35
CA PRO D 228 -3.39 -9.32 -20.04
C PRO D 228 -3.13 -10.29 -21.18
N ARG D 229 -2.40 -9.82 -22.19
CA ARG D 229 -1.96 -10.61 -23.34
C ARG D 229 -0.42 -10.66 -23.38
N TRP D 230 0.26 -9.57 -22.97
CA TRP D 230 1.72 -9.51 -22.93
C TRP D 230 2.18 -8.56 -21.83
N HIS D 231 3.20 -8.97 -21.05
CA HIS D 231 3.78 -8.16 -19.98
C HIS D 231 5.27 -8.40 -19.97
N LYS D 232 6.08 -7.34 -19.86
CA LYS D 232 7.53 -7.48 -19.86
C LYS D 232 8.23 -6.19 -19.42
N ASN D 233 9.45 -6.33 -18.90
CA ASN D 233 10.29 -5.21 -18.51
C ASN D 233 11.27 -4.96 -19.68
N LEU D 234 11.46 -3.69 -20.11
CA LEU D 234 12.36 -3.37 -21.23
C LEU D 234 13.22 -2.10 -20.97
N THR D 235 14.31 -1.96 -21.75
CA THR D 235 15.23 -0.82 -21.71
C THR D 235 15.13 -0.19 -23.09
N GLY D 236 14.23 0.76 -23.22
CA GLY D 236 13.93 1.43 -24.49
C GLY D 236 15.02 2.32 -25.05
N PRO D 237 14.78 2.93 -26.23
CA PRO D 237 13.56 2.88 -27.07
C PRO D 237 13.52 1.72 -28.06
N GLN D 238 12.69 0.70 -27.80
CA GLN D 238 12.54 -0.43 -28.70
C GLN D 238 11.23 -0.30 -29.46
N ILE D 239 11.26 -0.41 -30.80
CA ILE D 239 10.04 -0.34 -31.61
C ILE D 239 9.45 -1.75 -31.68
N ILE D 240 8.49 -2.05 -30.78
CA ILE D 240 7.88 -3.38 -30.66
C ILE D 240 6.80 -3.59 -31.73
N THR D 241 6.94 -4.67 -32.52
CA THR D 241 5.96 -5.02 -33.56
C THR D 241 4.95 -6.01 -32.97
N LEU D 242 3.65 -5.66 -32.98
CA LEU D 242 2.61 -6.51 -32.40
C LEU D 242 2.11 -7.62 -33.32
N ASN D 243 1.63 -8.71 -32.71
CA ASN D 243 1.07 -9.88 -33.41
C ASN D 243 -0.44 -9.63 -33.56
N HIS D 244 -1.01 -9.82 -34.77
CA HIS D 244 -2.45 -9.59 -34.96
C HIS D 244 -3.33 -10.67 -34.29
N THR D 245 -2.73 -11.65 -33.60
CA THR D 245 -3.46 -12.68 -32.86
C THR D 245 -4.04 -12.02 -31.60
N ASP D 246 -3.19 -11.27 -30.86
CA ASP D 246 -3.57 -10.61 -29.63
C ASP D 246 -4.14 -9.19 -29.84
N LEU D 247 -4.34 -8.73 -31.09
CA LEU D 247 -4.84 -7.37 -31.34
C LEU D 247 -6.32 -7.33 -31.68
N VAL D 248 -7.08 -6.60 -30.88
CA VAL D 248 -8.53 -6.38 -31.01
C VAL D 248 -8.87 -4.96 -30.49
N PRO D 249 -10.11 -4.45 -30.69
CA PRO D 249 -10.44 -3.11 -30.15
C PRO D 249 -10.29 -2.95 -28.63
N CYS D 250 -10.28 -4.07 -27.88
CA CYS D 250 -10.08 -4.03 -26.42
C CYS D 250 -8.59 -3.87 -26.03
N LEU D 251 -7.64 -3.97 -26.98
CA LEU D 251 -6.21 -3.85 -26.67
C LEU D 251 -5.87 -2.46 -26.12
N CYS D 252 -5.34 -2.42 -24.89
CA CYS D 252 -4.94 -1.19 -24.20
C CYS D 252 -3.50 -1.34 -23.71
N ILE D 253 -2.71 -0.26 -23.77
CA ILE D 253 -1.31 -0.26 -23.35
C ILE D 253 -1.15 0.55 -22.05
N GLN D 254 -0.22 0.11 -21.19
CA GLN D 254 0.10 0.73 -19.92
C GLN D 254 1.63 0.71 -19.76
N VAL D 255 2.25 1.89 -19.61
CA VAL D 255 3.71 2.01 -19.46
C VAL D 255 4.06 2.83 -18.23
N TRP D 256 5.22 2.56 -17.64
CA TRP D 256 5.66 3.26 -16.44
C TRP D 256 7.18 3.11 -16.25
N PRO D 257 7.92 4.15 -15.83
CA PRO D 257 9.36 3.97 -15.64
C PRO D 257 9.66 3.07 -14.43
N LEU D 258 10.79 2.34 -14.47
CA LEU D 258 11.16 1.42 -13.39
C LEU D 258 11.69 2.16 -12.16
N GLU D 259 10.76 2.76 -11.42
CA GLU D 259 10.98 3.48 -10.17
C GLU D 259 9.76 3.18 -9.28
N PRO D 260 9.91 2.90 -7.97
CA PRO D 260 8.71 2.61 -7.15
C PRO D 260 7.73 3.77 -7.14
N ASP D 261 6.42 3.44 -7.12
CA ASP D 261 5.34 4.42 -7.10
C ASP D 261 5.22 5.25 -8.39
N SER D 262 5.96 4.89 -9.47
CA SER D 262 5.89 5.67 -10.70
C SER D 262 4.50 5.58 -11.33
N VAL D 263 4.04 6.69 -11.93
CA VAL D 263 2.71 6.78 -12.52
C VAL D 263 2.66 6.12 -13.90
N ARG D 264 1.50 5.58 -14.24
CA ARG D 264 1.22 4.87 -15.49
C ARG D 264 0.07 5.57 -16.25
N THR D 265 -0.31 5.08 -17.44
CA THR D 265 -1.43 5.62 -18.22
C THR D 265 -2.01 4.49 -19.09
N ASN D 266 -3.35 4.42 -19.20
CA ASN D 266 -4.02 3.39 -19.98
C ASN D 266 -4.59 3.98 -21.28
N ILE D 267 -3.92 3.73 -22.40
CA ILE D 267 -4.34 4.21 -23.72
C ILE D 267 -5.02 3.06 -24.49
N CYS D 268 -6.29 3.24 -24.90
CA CYS D 268 -7.09 2.25 -25.64
C CYS D 268 -7.43 2.86 -27.01
N PRO D 269 -6.50 2.84 -27.97
CA PRO D 269 -6.74 3.49 -29.25
C PRO D 269 -7.45 2.64 -30.29
N PHE D 270 -7.38 1.31 -30.18
CA PHE D 270 -7.96 0.42 -31.19
C PHE D 270 -9.50 0.35 -31.18
N ARG D 271 -10.17 1.17 -30.35
CA ARG D 271 -11.64 1.18 -30.25
C ARG D 271 -12.36 1.26 -31.60
N GLU D 272 -11.84 2.06 -32.56
CA GLU D 272 -12.45 2.19 -33.89
C GLU D 272 -11.40 2.06 -35.00
N ASP D 273 -10.48 1.09 -34.86
CA ASP D 273 -9.47 0.82 -35.88
C ASP D 273 -10.05 -0.24 -36.84
N PRO D 274 -9.90 -0.10 -38.17
CA PRO D 274 -10.49 -1.10 -39.09
C PRO D 274 -9.87 -2.50 -38.98
N ARG D 275 -8.54 -2.60 -38.88
CA ARG D 275 -7.85 -3.87 -38.79
C ARG D 275 -8.17 -4.61 -37.47
N ALA D 276 -8.36 -3.87 -36.36
CA ALA D 276 -8.69 -4.47 -35.06
C ALA D 276 -10.08 -5.12 -35.10
N HIS D 277 -11.09 -4.43 -35.66
CA HIS D 277 -12.43 -4.99 -35.78
C HIS D 277 -12.44 -6.18 -36.72
N GLN D 278 -11.61 -6.16 -37.78
CA GLN D 278 -11.47 -7.29 -38.71
C GLN D 278 -10.97 -8.53 -37.96
N ASN D 279 -9.99 -8.35 -37.06
CA ASN D 279 -9.44 -9.44 -36.27
C ASN D 279 -10.45 -9.93 -35.22
N LEU D 280 -11.21 -8.99 -34.61
CA LEU D 280 -12.23 -9.30 -33.62
C LEU D 280 -13.26 -10.31 -34.14
N TRP D 281 -13.82 -10.07 -35.32
CA TRP D 281 -14.84 -10.93 -35.88
C TRP D 281 -14.29 -12.29 -36.32
N GLN D 282 -13.08 -12.34 -36.93
CA GLN D 282 -12.50 -13.63 -37.34
C GLN D 282 -12.20 -14.53 -36.12
N ALA D 283 -11.98 -13.93 -34.92
CA ALA D 283 -11.75 -14.67 -33.68
C ALA D 283 -13.06 -15.02 -32.95
N ALA D 284 -14.12 -14.22 -33.14
CA ALA D 284 -15.41 -14.47 -32.51
C ALA D 284 -16.04 -15.75 -33.05
N ARG D 285 -16.80 -16.47 -32.21
CA ARG D 285 -17.42 -17.73 -32.60
C ARG D 285 -18.85 -17.84 -32.04
N LEU D 286 -19.70 -18.60 -32.73
CA LEU D 286 -21.09 -18.84 -32.30
C LEU D 286 -21.19 -20.27 -31.79
N ARG D 287 -21.84 -20.49 -30.64
CA ARG D 287 -21.97 -21.84 -30.09
C ARG D 287 -23.37 -22.12 -29.54
N LEU D 288 -23.94 -23.27 -29.90
CA LEU D 288 -25.24 -23.68 -29.40
C LEU D 288 -25.02 -24.26 -28.01
N LEU D 289 -25.79 -23.81 -27.03
CA LEU D 289 -25.67 -24.30 -25.66
C LEU D 289 -26.64 -25.47 -25.51
N THR D 290 -27.91 -25.24 -25.85
CA THR D 290 -28.99 -26.21 -25.84
C THR D 290 -29.91 -25.89 -27.03
N LEU D 291 -30.86 -26.77 -27.36
CA LEU D 291 -31.85 -26.59 -28.44
C LEU D 291 -32.45 -25.15 -28.44
N GLN D 292 -32.84 -24.64 -27.25
CA GLN D 292 -33.45 -23.32 -27.10
C GLN D 292 -32.47 -22.29 -26.50
N SER D 293 -31.17 -22.39 -26.79
CA SER D 293 -30.19 -21.43 -26.27
C SER D 293 -28.89 -21.47 -27.04
N TRP D 294 -28.34 -20.29 -27.32
CA TRP D 294 -27.10 -20.11 -28.09
C TRP D 294 -26.34 -18.87 -27.57
N LEU D 295 -25.11 -18.64 -28.06
CA LEU D 295 -24.32 -17.51 -27.62
C LEU D 295 -23.27 -17.05 -28.62
N LEU D 296 -22.88 -15.77 -28.51
CA LEU D 296 -21.82 -15.18 -29.30
C LEU D 296 -20.61 -14.99 -28.39
N ASP D 297 -19.54 -15.74 -28.66
CA ASP D 297 -18.29 -15.73 -27.89
C ASP D 297 -17.26 -14.87 -28.61
N ALA D 298 -17.04 -13.65 -28.11
CA ALA D 298 -16.05 -12.75 -28.70
C ALA D 298 -15.19 -12.16 -27.59
N PRO D 299 -13.89 -11.93 -27.87
CA PRO D 299 -13.02 -11.37 -26.83
C PRO D 299 -13.47 -9.97 -26.39
N CYS D 300 -13.65 -9.06 -27.34
CA CYS D 300 -14.08 -7.70 -27.03
C CYS D 300 -15.60 -7.67 -27.05
N SER D 301 -16.22 -7.24 -25.94
CA SER D 301 -17.68 -7.20 -25.85
C SER D 301 -18.27 -5.95 -26.52
N LEU D 302 -18.60 -6.09 -27.82
CA LEU D 302 -19.15 -5.01 -28.65
C LEU D 302 -20.56 -5.40 -29.11
N PRO D 303 -21.63 -4.68 -28.71
CA PRO D 303 -22.98 -5.07 -29.14
C PRO D 303 -23.23 -5.03 -30.66
N ALA D 304 -24.06 -5.96 -31.16
CA ALA D 304 -24.40 -6.10 -32.58
C ALA D 304 -25.71 -6.94 -32.75
N GLU D 305 -26.35 -6.89 -33.93
CA GLU D 305 -27.62 -7.61 -34.19
C GLU D 305 -27.42 -8.96 -34.90
N ALA D 306 -28.46 -9.83 -34.89
CA ALA D 306 -28.41 -11.16 -35.53
C ALA D 306 -29.82 -11.65 -35.90
N ALA D 307 -29.91 -12.63 -36.82
CA ALA D 307 -31.18 -13.20 -37.26
C ALA D 307 -31.00 -14.60 -37.89
N LEU D 308 -32.06 -15.41 -37.89
CA LEU D 308 -32.06 -16.75 -38.48
C LEU D 308 -32.11 -16.65 -40.00
N CYS D 309 -31.46 -17.60 -40.68
CA CYS D 309 -31.36 -17.66 -42.13
C CYS D 309 -31.63 -19.09 -42.63
N TRP D 310 -31.99 -19.24 -43.92
CA TRP D 310 -32.27 -20.55 -44.52
C TRP D 310 -31.31 -20.83 -45.68
N ARG D 311 -30.35 -21.74 -45.45
CA ARG D 311 -29.35 -22.10 -46.44
C ARG D 311 -29.82 -23.29 -47.27
N ALA D 312 -29.68 -23.19 -48.60
CA ALA D 312 -30.07 -24.26 -49.50
C ALA D 312 -29.05 -25.40 -49.44
N PRO D 313 -29.46 -26.68 -49.55
CA PRO D 313 -28.44 -27.76 -49.53
C PRO D 313 -27.57 -27.79 -50.78
N GLY D 314 -28.16 -27.58 -51.96
CA GLY D 314 -27.41 -27.57 -53.21
C GLY D 314 -26.43 -26.43 -53.24
N GLY D 315 -26.95 -25.23 -53.47
CA GLY D 315 -26.13 -24.02 -53.45
C GLY D 315 -25.96 -23.48 -52.04
N ASP D 316 -25.43 -22.28 -51.93
CA ASP D 316 -25.25 -21.61 -50.64
C ASP D 316 -25.80 -20.15 -50.57
N PRO D 317 -26.77 -19.71 -51.43
CA PRO D 317 -27.31 -18.35 -51.25
C PRO D 317 -28.29 -18.37 -50.09
N CYS D 318 -27.82 -18.04 -48.90
CA CYS D 318 -28.64 -18.07 -47.69
C CYS D 318 -29.69 -16.95 -47.72
N GLN D 319 -30.99 -17.31 -47.80
CA GLN D 319 -32.08 -16.34 -47.83
C GLN D 319 -32.52 -16.03 -46.39
N PRO D 320 -32.51 -14.74 -45.95
CA PRO D 320 -32.92 -14.45 -44.58
C PRO D 320 -34.41 -14.63 -44.37
N LEU D 321 -34.81 -15.08 -43.18
CA LEU D 321 -36.21 -15.29 -42.86
C LEU D 321 -36.85 -14.04 -42.27
N VAL D 322 -36.52 -12.87 -42.84
CA VAL D 322 -37.10 -11.62 -42.40
C VAL D 322 -37.76 -11.02 -43.65
N PRO D 323 -39.10 -11.11 -43.82
CA PRO D 323 -40.13 -11.67 -42.94
C PRO D 323 -40.16 -13.21 -42.92
N PRO D 324 -40.86 -13.85 -41.98
CA PRO D 324 -41.68 -13.31 -40.89
C PRO D 324 -40.96 -13.10 -39.56
N LEU D 325 -39.76 -13.67 -39.40
CA LEU D 325 -39.02 -13.55 -38.15
C LEU D 325 -38.36 -12.18 -37.99
N SER D 326 -37.94 -11.85 -36.75
CA SER D 326 -37.38 -10.54 -36.37
C SER D 326 -35.88 -10.56 -36.11
N TRP D 327 -35.21 -9.43 -36.37
CA TRP D 327 -33.78 -9.26 -36.09
C TRP D 327 -33.64 -9.02 -34.59
N GLU D 328 -32.96 -9.92 -33.89
CA GLU D 328 -32.78 -9.81 -32.45
C GLU D 328 -31.61 -8.89 -32.06
N ASN D 329 -31.78 -8.13 -30.96
CA ASN D 329 -30.72 -7.27 -30.40
C ASN D 329 -29.78 -8.20 -29.63
N VAL D 330 -28.63 -8.55 -30.20
CA VAL D 330 -27.70 -9.45 -29.55
C VAL D 330 -26.58 -8.69 -28.86
N THR D 331 -26.07 -9.26 -27.76
CA THR D 331 -24.95 -8.71 -27.00
C THR D 331 -24.00 -9.87 -26.67
N VAL D 332 -22.69 -9.64 -26.83
CA VAL D 332 -21.66 -10.66 -26.59
C VAL D 332 -21.76 -11.16 -25.14
N ASP D 333 -21.60 -12.47 -24.94
CA ASP D 333 -21.68 -13.09 -23.62
C ASP D 333 -23.11 -13.05 -22.99
N LYS D 334 -24.12 -12.51 -23.70
CA LYS D 334 -25.49 -12.50 -23.22
C LYS D 334 -26.19 -13.65 -23.91
N VAL D 335 -26.77 -14.57 -23.14
CA VAL D 335 -27.45 -15.76 -23.68
C VAL D 335 -28.77 -15.39 -24.33
N LEU D 336 -29.07 -15.97 -25.51
CA LEU D 336 -30.34 -15.73 -26.19
C LEU D 336 -31.08 -17.07 -26.42
N GLU D 337 -32.41 -16.99 -26.59
CA GLU D 337 -33.30 -18.14 -26.79
C GLU D 337 -33.95 -18.07 -28.18
N PHE D 338 -34.25 -19.23 -28.77
CA PHE D 338 -34.88 -19.27 -30.08
C PHE D 338 -36.38 -19.37 -29.97
N PRO D 339 -37.16 -18.69 -30.84
CA PRO D 339 -38.62 -18.85 -30.80
C PRO D 339 -39.06 -20.05 -31.67
N LEU D 340 -38.25 -21.13 -31.71
CA LEU D 340 -38.54 -22.31 -32.52
C LEU D 340 -38.94 -23.47 -31.65
N LEU D 341 -39.95 -24.25 -32.07
CA LEU D 341 -40.35 -25.44 -31.33
C LEU D 341 -39.24 -26.50 -31.43
N LYS D 342 -38.61 -26.62 -32.61
CA LYS D 342 -37.53 -27.56 -32.87
C LYS D 342 -36.49 -26.93 -33.82
N GLY D 343 -35.30 -27.50 -33.83
CA GLY D 343 -34.21 -27.04 -34.68
C GLY D 343 -34.22 -27.71 -36.03
N HIS D 344 -33.51 -27.14 -37.00
CA HIS D 344 -33.40 -27.69 -38.34
C HIS D 344 -32.00 -27.43 -38.87
N PRO D 345 -31.36 -28.42 -39.54
CA PRO D 345 -30.00 -28.20 -40.02
C PRO D 345 -29.85 -27.06 -41.02
N ASN D 346 -30.90 -26.75 -41.80
CA ASN D 346 -30.83 -25.64 -42.74
C ASN D 346 -30.94 -24.26 -42.08
N LEU D 347 -31.32 -24.19 -40.79
CA LEU D 347 -31.37 -22.92 -40.07
C LEU D 347 -29.97 -22.52 -39.61
N CYS D 348 -29.46 -21.37 -40.09
CA CYS D 348 -28.13 -20.87 -39.73
C CYS D 348 -28.25 -19.45 -39.22
N VAL D 349 -27.48 -19.08 -38.19
CA VAL D 349 -27.54 -17.73 -37.63
C VAL D 349 -26.61 -16.79 -38.41
N GLN D 350 -27.10 -15.59 -38.73
CA GLN D 350 -26.33 -14.57 -39.44
C GLN D 350 -26.13 -13.37 -38.52
N VAL D 351 -24.86 -12.98 -38.29
CA VAL D 351 -24.52 -11.85 -37.41
C VAL D 351 -23.93 -10.72 -38.24
N ASN D 352 -24.48 -9.51 -38.07
CA ASN D 352 -24.00 -8.32 -38.77
C ASN D 352 -23.84 -7.15 -37.80
N SER D 353 -22.87 -6.26 -38.10
CA SER D 353 -22.61 -5.05 -37.33
C SER D 353 -22.61 -3.94 -38.36
N SER D 354 -23.55 -2.99 -38.23
CA SER D 354 -23.75 -1.91 -39.21
C SER D 354 -24.23 -2.51 -40.56
N GLU D 355 -25.06 -3.58 -40.49
CA GLU D 355 -25.60 -4.34 -41.61
C GLU D 355 -24.57 -5.16 -42.41
N LYS D 356 -23.26 -4.82 -42.36
CA LYS D 356 -22.25 -5.59 -43.08
C LYS D 356 -22.14 -6.96 -42.41
N LEU D 357 -22.31 -8.03 -43.18
CA LEU D 357 -22.30 -9.40 -42.66
C LEU D 357 -20.93 -9.81 -42.15
N GLN D 358 -20.89 -10.48 -40.98
CA GLN D 358 -19.66 -10.94 -40.35
C GLN D 358 -19.66 -12.48 -40.20
N LEU D 359 -20.76 -13.06 -39.67
CA LEU D 359 -20.84 -14.52 -39.43
C LEU D 359 -22.06 -15.17 -40.11
N GLN D 360 -21.91 -16.43 -40.57
CA GLN D 360 -23.00 -17.23 -41.16
C GLN D 360 -22.78 -18.69 -40.77
N GLU D 361 -22.63 -18.93 -39.47
CA GLU D 361 -22.38 -20.28 -38.97
C GLU D 361 -23.70 -21.03 -38.73
N CYS D 362 -23.75 -22.28 -39.18
CA CYS D 362 -24.94 -23.13 -39.05
C CYS D 362 -24.89 -23.91 -37.75
N LEU D 363 -25.73 -23.52 -36.77
CA LEU D 363 -25.70 -24.13 -35.46
C LEU D 363 -26.09 -25.61 -35.45
N TRP D 364 -27.20 -25.97 -36.11
CA TRP D 364 -27.65 -27.36 -36.11
C TRP D 364 -26.96 -28.23 -37.16
N ALA D 365 -25.76 -27.84 -37.63
CA ALA D 365 -24.99 -28.67 -38.57
C ALA D 365 -24.41 -29.91 -37.86
N ASP D 366 -24.14 -29.82 -36.55
CA ASP D 366 -23.64 -30.94 -35.76
C ASP D 366 -24.80 -31.60 -35.01
N SER D 367 -25.77 -30.81 -34.51
CA SER D 367 -26.89 -31.34 -33.76
C SER D 367 -27.86 -32.16 -34.61
N LEU D 368 -28.16 -31.72 -35.84
CA LEU D 368 -29.06 -32.46 -36.73
C LEU D 368 -28.59 -32.50 -38.21
N GLY D 369 -27.36 -32.11 -38.48
CA GLY D 369 -26.82 -32.09 -39.83
C GLY D 369 -26.48 -33.45 -40.39
N PRO D 370 -26.07 -33.51 -41.66
CA PRO D 370 -25.86 -32.39 -42.60
C PRO D 370 -27.16 -31.72 -43.10
N LEU D 371 -27.03 -30.73 -44.01
CA LEU D 371 -28.16 -29.98 -44.59
C LEU D 371 -29.14 -30.90 -45.35
N LYS D 372 -30.44 -30.89 -44.96
CA LYS D 372 -31.49 -31.69 -45.59
C LYS D 372 -32.19 -30.89 -46.68
N ASP D 373 -32.58 -31.53 -47.79
CA ASP D 373 -33.30 -30.84 -48.85
C ASP D 373 -34.79 -30.99 -48.60
N ASP D 374 -35.25 -30.47 -47.44
CA ASP D 374 -36.66 -30.44 -47.04
C ASP D 374 -37.11 -28.99 -47.27
N VAL D 375 -38.18 -28.75 -48.03
CA VAL D 375 -38.61 -27.39 -48.35
C VAL D 375 -39.27 -26.70 -47.16
N LEU D 376 -39.06 -25.38 -47.05
CA LEU D 376 -39.61 -24.56 -45.97
C LEU D 376 -40.84 -23.79 -46.47
N LEU D 377 -41.93 -23.78 -45.67
CA LEU D 377 -43.16 -23.06 -46.00
C LEU D 377 -43.38 -21.87 -45.05
N LEU D 378 -44.03 -20.79 -45.57
CA LEU D 378 -44.37 -19.57 -44.83
C LEU D 378 -45.88 -19.38 -44.81
N GLU D 379 -46.53 -19.76 -43.70
CA GLU D 379 -47.99 -19.65 -43.57
C GLU D 379 -48.41 -18.27 -43.10
N THR D 380 -49.58 -17.80 -43.59
CA THR D 380 -50.19 -16.51 -43.20
C THR D 380 -51.70 -16.57 -43.50
N ARG D 381 -52.54 -15.89 -42.69
CA ARG D 381 -53.98 -15.93 -42.88
C ARG D 381 -54.43 -15.05 -44.06
N GLY D 382 -54.80 -15.69 -45.17
CA GLY D 382 -55.24 -14.99 -46.38
C GLY D 382 -56.61 -14.36 -46.27
N PRO D 383 -57.14 -13.77 -47.36
CA PRO D 383 -58.47 -13.15 -47.30
C PRO D 383 -59.60 -14.17 -47.10
N GLN D 384 -60.71 -13.74 -46.46
CA GLN D 384 -61.86 -14.60 -46.16
C GLN D 384 -61.52 -15.63 -45.03
N ASP D 385 -60.58 -15.29 -44.11
CA ASP D 385 -60.14 -16.13 -42.99
C ASP D 385 -59.39 -17.44 -43.37
N ASN D 386 -59.29 -17.79 -44.66
CA ASN D 386 -58.63 -19.01 -45.11
C ASN D 386 -57.11 -18.97 -44.95
N ARG D 387 -56.45 -20.14 -44.99
CA ARG D 387 -55.01 -20.27 -44.84
C ARG D 387 -54.32 -19.99 -46.20
N SER D 388 -53.22 -19.23 -46.20
CA SER D 388 -52.47 -18.90 -47.42
C SER D 388 -50.99 -19.26 -47.21
N LEU D 389 -50.52 -20.31 -47.91
CA LEU D 389 -49.16 -20.82 -47.79
C LEU D 389 -48.22 -20.28 -48.88
N CYS D 390 -46.90 -20.46 -48.67
CA CYS D 390 -45.88 -20.03 -49.63
C CYS D 390 -44.60 -20.85 -49.45
N ALA D 391 -43.83 -21.06 -50.52
CA ALA D 391 -42.61 -21.87 -50.46
C ALA D 391 -41.36 -21.01 -50.67
N LEU D 392 -40.35 -21.18 -49.80
CA LEU D 392 -39.11 -20.42 -49.93
C LEU D 392 -38.23 -20.98 -51.05
N GLU D 393 -38.19 -20.26 -52.17
CA GLU D 393 -37.40 -20.59 -53.35
C GLU D 393 -36.12 -19.72 -53.39
N PRO D 394 -35.12 -20.04 -54.24
CA PRO D 394 -33.93 -19.17 -54.32
C PRO D 394 -34.28 -17.72 -54.69
N SER D 395 -35.31 -17.53 -55.53
CA SER D 395 -35.79 -16.21 -55.96
C SER D 395 -37.03 -15.80 -55.15
N GLY D 396 -36.82 -15.54 -53.86
CA GLY D 396 -37.89 -15.12 -52.97
C GLY D 396 -38.84 -16.25 -52.59
N CYS D 397 -40.14 -15.95 -52.53
CA CYS D 397 -41.17 -16.92 -52.15
C CYS D 397 -42.25 -17.02 -53.26
N THR D 398 -42.88 -18.21 -53.37
CA THR D 398 -43.95 -18.47 -54.34
C THR D 398 -45.20 -18.93 -53.59
N SER D 399 -46.24 -18.08 -53.58
CA SER D 399 -47.50 -18.41 -52.89
C SER D 399 -48.20 -19.56 -53.60
N LEU D 400 -48.22 -20.75 -52.98
CA LEU D 400 -48.86 -21.93 -53.56
C LEU D 400 -49.95 -22.51 -52.61
N PRO D 401 -50.91 -23.35 -53.08
CA PRO D 401 -51.09 -23.90 -54.44
C PRO D 401 -51.05 -22.88 -55.57
N SER D 402 -50.36 -23.20 -56.69
CA SER D 402 -50.20 -22.27 -57.81
C SER D 402 -49.70 -22.95 -59.11
N LYS D 403 -49.73 -22.21 -60.24
CA LYS D 403 -49.17 -22.67 -61.52
C LYS D 403 -47.65 -22.73 -61.32
N ALA D 404 -46.97 -23.71 -61.91
CA ALA D 404 -45.55 -23.92 -61.66
C ALA D 404 -44.63 -23.77 -62.87
N SER D 405 -43.32 -23.52 -62.60
CA SER D 405 -42.27 -23.52 -63.61
C SER D 405 -42.02 -24.98 -64.12
N THR D 406 -42.42 -26.01 -63.33
CA THR D 406 -42.33 -27.42 -63.73
C THR D 406 -43.52 -27.84 -64.65
N ARG D 407 -44.29 -26.86 -65.22
CA ARG D 407 -45.42 -27.04 -66.15
C ARG D 407 -46.68 -27.62 -65.48
N ALA D 408 -46.54 -28.71 -64.71
CA ALA D 408 -47.64 -29.30 -63.95
C ALA D 408 -48.00 -28.35 -62.75
N ALA D 409 -48.99 -28.68 -61.87
CA ALA D 409 -49.32 -27.82 -60.73
C ALA D 409 -48.26 -27.91 -59.59
N ARG D 410 -47.01 -28.32 -59.90
CA ARG D 410 -45.89 -28.42 -58.98
C ARG D 410 -46.01 -29.58 -58.03
N LEU D 411 -44.86 -29.98 -57.46
CA LEU D 411 -44.85 -30.98 -56.40
C LEU D 411 -45.43 -30.36 -55.07
N GLY D 412 -45.61 -29.02 -55.02
CA GLY D 412 -46.27 -28.29 -53.94
C GLY D 412 -47.70 -28.74 -53.72
N GLU D 413 -48.37 -29.22 -54.79
CA GLU D 413 -49.73 -29.78 -54.72
C GLU D 413 -49.78 -31.01 -53.78
N TYR D 414 -48.71 -31.80 -53.78
CA TYR D 414 -48.56 -33.02 -52.99
C TYR D 414 -48.03 -32.67 -51.60
N LEU D 415 -47.14 -31.67 -51.49
CA LEU D 415 -46.68 -31.18 -50.19
C LEU D 415 -47.85 -30.56 -49.43
N LEU D 416 -48.82 -29.94 -50.14
CA LEU D 416 -50.04 -29.37 -49.56
C LEU D 416 -50.82 -30.48 -48.82
N GLN D 417 -50.85 -31.70 -49.40
CA GLN D 417 -51.53 -32.85 -48.79
C GLN D 417 -50.72 -33.36 -47.58
N ASP D 418 -49.39 -33.48 -47.73
CA ASP D 418 -48.47 -33.91 -46.67
C ASP D 418 -48.64 -33.02 -45.44
N LEU D 419 -48.78 -31.70 -45.66
CA LEU D 419 -48.96 -30.75 -44.57
C LEU D 419 -50.25 -30.98 -43.79
N GLN D 420 -51.41 -30.99 -44.47
CA GLN D 420 -52.68 -31.19 -43.76
C GLN D 420 -52.83 -32.62 -43.22
N SER D 421 -52.04 -33.60 -43.72
CA SER D 421 -52.04 -34.95 -43.17
C SER D 421 -50.99 -35.12 -42.03
N GLY D 422 -50.54 -34.01 -41.44
CA GLY D 422 -49.59 -34.01 -40.32
C GLY D 422 -48.17 -34.48 -40.57
N GLN D 423 -47.75 -34.62 -41.83
CA GLN D 423 -46.39 -35.08 -42.14
C GLN D 423 -45.37 -33.99 -41.87
N CYS D 424 -45.65 -32.74 -42.28
CA CYS D 424 -44.69 -31.65 -42.13
C CYS D 424 -44.36 -31.30 -40.68
N LEU D 425 -43.11 -30.87 -40.47
CA LEU D 425 -42.56 -30.52 -39.16
C LEU D 425 -42.73 -29.03 -38.86
N GLN D 426 -43.49 -28.67 -37.81
CA GLN D 426 -43.69 -27.28 -37.44
C GLN D 426 -42.45 -26.75 -36.72
N LEU D 427 -41.76 -25.76 -37.32
CA LEU D 427 -40.54 -25.19 -36.73
C LEU D 427 -40.81 -23.92 -35.92
N TRP D 428 -41.71 -23.05 -36.40
CA TRP D 428 -42.04 -21.78 -35.75
C TRP D 428 -43.55 -21.63 -35.65
N ASP D 429 -44.03 -21.10 -34.52
CA ASP D 429 -45.45 -20.93 -34.31
C ASP D 429 -45.76 -19.50 -33.92
N ASP D 430 -46.83 -18.94 -34.52
CA ASP D 430 -47.27 -17.57 -34.26
C ASP D 430 -48.78 -17.47 -34.52
N ASP D 431 -49.44 -16.50 -33.88
CA ASP D 431 -50.87 -16.28 -34.05
C ASP D 431 -51.23 -15.91 -35.51
N LEU D 432 -50.30 -15.25 -36.21
CA LEU D 432 -50.47 -14.76 -37.58
C LEU D 432 -49.82 -15.66 -38.64
N GLY D 433 -48.86 -16.50 -38.26
CA GLY D 433 -48.17 -17.37 -39.21
C GLY D 433 -47.45 -18.56 -38.62
N ALA D 434 -46.76 -19.33 -39.46
CA ALA D 434 -46.02 -20.53 -39.04
C ALA D 434 -45.03 -20.98 -40.12
N LEU D 435 -43.93 -21.67 -39.71
CA LEU D 435 -42.94 -22.22 -40.63
C LEU D 435 -42.99 -23.75 -40.56
N TRP D 436 -42.83 -24.42 -41.71
CA TRP D 436 -42.92 -25.88 -41.79
C TRP D 436 -41.82 -26.47 -42.66
N ALA D 437 -41.17 -27.56 -42.18
CA ALA D 437 -40.12 -28.28 -42.92
C ALA D 437 -40.72 -29.56 -43.49
N CYS D 438 -41.09 -29.51 -44.78
CA CYS D 438 -41.76 -30.63 -45.45
C CYS D 438 -40.80 -31.55 -46.19
N PRO D 439 -40.99 -32.88 -46.08
CA PRO D 439 -40.05 -33.80 -46.73
C PRO D 439 -40.29 -33.98 -48.22
N MET D 440 -39.27 -33.69 -49.01
CA MET D 440 -39.32 -33.90 -50.45
C MET D 440 -38.61 -35.21 -50.85
N ASP D 441 -38.30 -36.12 -49.87
CA ASP D 441 -37.58 -37.37 -50.13
C ASP D 441 -38.43 -38.49 -50.75
N LYS D 442 -39.63 -38.17 -51.29
CA LYS D 442 -40.51 -39.13 -51.94
C LYS D 442 -40.94 -38.63 -53.35
N TYR D 443 -40.12 -37.77 -54.01
CA TYR D 443 -40.49 -37.17 -55.29
C TYR D 443 -39.44 -37.33 -56.41
N ILE D 444 -38.13 -37.20 -56.09
CA ILE D 444 -37.08 -37.40 -57.08
C ILE D 444 -36.93 -38.88 -57.36
#